data_3FOB
#
_entry.id   3FOB
#
_cell.length_a   77.037
_cell.length_b   48.326
_cell.length_c   101.932
_cell.angle_alpha   90.00
_cell.angle_beta   94.05
_cell.angle_gamma   90.00
#
_symmetry.space_group_name_H-M   'P 1 21 1'
#
loop_
_entity.id
_entity.type
_entity.pdbx_description
1 polymer Bromoperoxidase
2 non-polymer 'CHLORIDE ION'
3 non-polymer 'SODIUM ION'
4 water water
#
_entity_poly.entity_id   1
_entity_poly.type   'polypeptide(L)'
_entity_poly.pdbx_seq_one_letter_code
;SNA(MSE)AKITVGTENQAPIEIYYEDHGTGKPVVLIHGWPLSGRSWEYQVPALVEAGYRVITYDRRGFGKSSQPWEGYE
YDTFTSDLHQLLEQLELQNVTLVGFS(MSE)GGGEVARYISTYGTDRIEKVVFAGAVPPYLYKSEDHPEGALDDATIETF
KSGVINDRLAFLDEFTKGFFAAGDRTDLVSESFRLYNWDIAAGASPKGTLDCITAFSKTDFRKDLEKFNIPTLIIHGDSD
ATVPFEYSGKLTHEAIPNSKVALIKGGPHGLNATHAKEFNEALLLFLKD
;
_entity_poly.pdbx_strand_id   A,B,C
#
loop_
_chem_comp.id
_chem_comp.type
_chem_comp.name
_chem_comp.formula
CL non-polymer 'CHLORIDE ION' 'Cl -1'
NA non-polymer 'SODIUM ION' 'Na 1'
#
# COMPACT_ATOMS: atom_id res chain seq x y z
N ALA A 5 6.17 8.38 11.59
CA ALA A 5 5.35 8.21 12.84
C ALA A 5 5.29 6.76 13.26
N LYS A 6 6.41 6.26 13.78
CA LYS A 6 6.46 4.91 14.37
C LYS A 6 7.07 4.85 15.76
N ILE A 7 6.61 3.89 16.55
CA ILE A 7 7.21 3.58 17.86
C ILE A 7 7.86 2.20 17.78
N THR A 8 9.09 2.10 18.26
CA THR A 8 9.71 0.80 18.40
C THR A 8 9.29 0.19 19.75
N VAL A 9 8.68 -0.98 19.66
CA VAL A 9 8.13 -1.65 20.83
C VAL A 9 8.74 -3.02 21.11
N GLY A 10 9.63 -3.46 20.25
CA GLY A 10 10.30 -4.73 20.52
C GLY A 10 11.26 -5.18 19.45
N THR A 11 11.74 -6.40 19.59
CA THR A 11 12.61 -6.92 18.56
C THR A 11 12.46 -8.46 18.50
N GLU A 12 12.62 -8.98 17.29
CA GLU A 12 12.44 -10.39 16.99
C GLU A 12 13.39 -10.72 15.85
N ASN A 13 14.02 -11.90 15.83
CA ASN A 13 15.03 -12.24 14.80
C ASN A 13 15.94 -11.03 14.46
N GLN A 14 16.37 -10.27 15.49
CA GLN A 14 17.31 -9.14 15.31
CA GLN A 14 17.29 -9.10 15.42
C GLN A 14 16.78 -7.86 14.67
N ALA A 15 15.47 -7.76 14.46
CA ALA A 15 14.92 -6.61 13.76
C ALA A 15 13.87 -5.96 14.67
N PRO A 16 13.79 -4.60 14.66
CA PRO A 16 12.79 -3.92 15.53
C PRO A 16 11.37 -4.28 15.18
N ILE A 17 10.45 -4.22 16.16
CA ILE A 17 9.04 -4.17 15.84
C ILE A 17 8.59 -2.71 16.00
N GLU A 18 8.00 -2.19 14.93
CA GLU A 18 7.56 -0.84 14.90
C GLU A 18 6.02 -0.78 14.82
N ILE A 19 5.44 0.17 15.53
CA ILE A 19 4.01 0.41 15.47
C ILE A 19 3.80 1.78 14.82
N TYR A 20 2.95 1.83 13.82
CA TYR A 20 2.56 3.07 13.15
C TYR A 20 1.45 3.67 13.96
N TYR A 21 1.50 4.97 14.09
CA TYR A 21 0.45 5.69 14.79
C TYR A 21 0.29 7.06 14.20
N GLU A 22 -0.86 7.68 14.48
CA GLU A 22 -1.14 9.08 14.16
C GLU A 22 -1.60 9.76 15.42
N ASP A 23 -1.28 11.05 15.53
CA ASP A 23 -1.55 11.83 16.75
C ASP A 23 -2.03 13.15 16.23
N HIS A 24 -3.31 13.38 16.38
CA HIS A 24 -3.92 14.59 15.87
C HIS A 24 -4.66 15.38 16.93
N GLY A 25 -4.52 16.68 16.81
CA GLY A 25 -5.27 17.64 17.66
C GLY A 25 -4.64 17.85 19.00
N THR A 26 -5.36 18.60 19.84
CA THR A 26 -4.85 19.04 21.13
C THR A 26 -5.95 18.81 22.14
N GLY A 27 -5.59 18.52 23.39
CA GLY A 27 -6.61 18.30 24.43
C GLY A 27 -6.38 16.99 25.15
N LYS A 28 -7.42 16.47 25.83
CA LYS A 28 -7.38 15.19 26.49
C LYS A 28 -7.13 14.12 25.44
N PRO A 29 -6.16 13.25 25.68
CA PRO A 29 -5.90 12.14 24.77
C PRO A 29 -6.96 11.01 24.80
N VAL A 30 -7.35 10.60 23.61
CA VAL A 30 -8.28 9.50 23.39
C VAL A 30 -7.54 8.59 22.43
N VAL A 31 -7.29 7.36 22.83
CA VAL A 31 -6.55 6.36 22.03
C VAL A 31 -7.58 5.38 21.52
N LEU A 32 -7.66 5.26 20.20
CA LEU A 32 -8.61 4.42 19.51
C LEU A 32 -7.88 3.17 19.00
N ILE A 33 -8.36 2.01 19.42
CA ILE A 33 -7.74 0.69 19.19
C ILE A 33 -8.66 -0.15 18.28
N HIS A 34 -8.19 -0.43 17.08
CA HIS A 34 -8.99 -1.03 16.01
C HIS A 34 -9.25 -2.54 16.22
N GLY A 35 -10.20 -3.07 15.48
CA GLY A 35 -10.51 -4.50 15.46
C GLY A 35 -9.86 -5.29 14.34
N TRP A 36 -10.10 -6.59 14.37
CA TRP A 36 -9.50 -7.53 13.41
C TRP A 36 -10.29 -7.56 12.13
N PRO A 37 -9.59 -7.72 10.98
CA PRO A 37 -8.17 -7.60 10.78
C PRO A 37 -7.85 -6.26 10.10
N LEU A 38 -8.31 -5.14 10.69
CA LEU A 38 -8.28 -3.85 9.99
C LEU A 38 -7.03 -3.01 10.43
N SER A 39 -7.23 -1.71 10.69
CA SER A 39 -6.15 -0.83 11.08
C SER A 39 -6.73 0.41 11.69
N GLY A 40 -5.87 1.35 12.04
CA GLY A 40 -6.32 2.64 12.56
C GLY A 40 -7.19 3.42 11.59
N ARG A 41 -7.10 3.12 10.29
CA ARG A 41 -7.92 3.80 9.29
C ARG A 41 -9.42 3.50 9.44
N SER A 42 -9.74 2.46 10.21
CA SER A 42 -11.14 2.17 10.47
CA SER A 42 -11.11 2.13 10.60
C SER A 42 -11.85 3.25 11.32
N TRP A 43 -11.10 4.14 11.94
CA TRP A 43 -11.66 5.22 12.72
C TRP A 43 -11.96 6.53 11.96
N GLU A 44 -12.07 6.46 10.64
CA GLU A 44 -12.25 7.62 9.81
C GLU A 44 -13.41 8.53 10.26
N TYR A 45 -14.50 7.94 10.73
CA TYR A 45 -15.65 8.72 11.08
C TYR A 45 -15.64 9.27 12.48
N GLN A 46 -14.71 8.82 13.32
CA GLN A 46 -14.57 9.28 14.70
C GLN A 46 -13.55 10.39 14.86
N VAL A 47 -12.46 10.31 14.13
CA VAL A 47 -11.35 11.24 14.43
C VAL A 47 -11.79 12.73 14.34
N PRO A 48 -12.47 13.11 13.25
CA PRO A 48 -12.73 14.50 13.10
C PRO A 48 -13.66 15.04 14.17
N ALA A 49 -14.64 14.22 14.59
CA ALA A 49 -15.61 14.64 15.60
C ALA A 49 -14.94 14.81 16.95
N LEU A 50 -13.98 13.93 17.24
CA LEU A 50 -13.21 14.01 18.48
C LEU A 50 -12.27 15.21 18.48
N VAL A 51 -11.55 15.43 17.39
CA VAL A 51 -10.67 16.58 17.32
C VAL A 51 -11.48 17.85 17.45
N GLU A 52 -12.61 17.93 16.75
CA GLU A 52 -13.42 19.15 16.80
C GLU A 52 -13.97 19.46 18.20
N ALA A 53 -14.27 18.41 18.94
CA ALA A 53 -14.78 18.50 20.28
C ALA A 53 -13.69 18.85 21.33
N GLY A 54 -12.46 19.03 20.88
CA GLY A 54 -11.36 19.42 21.75
C GLY A 54 -10.59 18.26 22.37
N TYR A 55 -10.49 17.12 21.67
CA TYR A 55 -9.71 15.97 22.17
C TYR A 55 -8.56 15.82 21.21
N ARG A 56 -7.48 15.25 21.73
CA ARG A 56 -6.32 14.78 21.00
C ARG A 56 -6.53 13.30 20.71
N VAL A 57 -6.42 12.90 19.45
CA VAL A 57 -6.86 11.59 19.03
C VAL A 57 -5.66 10.80 18.54
N ILE A 58 -5.33 9.72 19.21
CA ILE A 58 -4.22 8.83 18.80
C ILE A 58 -4.80 7.52 18.22
N THR A 59 -4.45 7.17 17.00
CA THR A 59 -4.80 5.88 16.43
C THR A 59 -3.47 5.15 16.24
N TYR A 60 -3.50 3.84 16.36
CA TYR A 60 -2.34 3.06 15.95
C TYR A 60 -2.76 1.79 15.32
N ASP A 61 -1.82 1.22 14.57
CA ASP A 61 -2.05 -0.06 13.94
C ASP A 61 -1.43 -1.17 14.79
N ARG A 62 -2.24 -2.12 15.19
CA ARG A 62 -1.78 -3.30 15.94
C ARG A 62 -0.69 -4.02 15.19
N ARG A 63 0.30 -4.54 15.93
CA ARG A 63 1.37 -5.31 15.27
C ARG A 63 0.78 -6.34 14.33
N GLY A 64 1.37 -6.43 13.16
CA GLY A 64 0.84 -7.28 12.08
C GLY A 64 -0.15 -6.68 11.10
N PHE A 65 -0.68 -5.51 11.46
CA PHE A 65 -1.77 -4.84 10.75
C PHE A 65 -1.41 -3.45 10.27
N GLY A 66 -2.15 -2.98 9.24
CA GLY A 66 -1.94 -1.65 8.67
C GLY A 66 -0.51 -1.44 8.26
N LYS A 67 0.11 -0.39 8.84
CA LYS A 67 1.42 0.05 8.46
C LYS A 67 2.46 -0.36 9.50
N SER A 68 2.05 -1.15 10.47
CA SER A 68 3.00 -1.63 11.50
C SER A 68 3.83 -2.82 11.03
N SER A 69 4.90 -3.14 11.75
CA SER A 69 5.69 -4.32 11.42
C SER A 69 4.86 -5.62 11.40
N GLN A 70 5.32 -6.60 10.64
CA GLN A 70 4.66 -7.92 10.58
C GLN A 70 5.62 -9.03 11.08
N PRO A 71 5.83 -9.10 12.39
CA PRO A 71 6.63 -10.15 12.94
C PRO A 71 5.93 -11.51 12.93
N TRP A 72 6.66 -12.51 13.44
CA TRP A 72 6.13 -13.86 13.53
C TRP A 72 5.43 -14.12 14.85
N GLU A 73 5.95 -13.56 15.94
CA GLU A 73 5.38 -13.83 17.25
CA GLU A 73 5.44 -13.82 17.28
C GLU A 73 4.82 -12.57 17.90
N GLY A 74 4.25 -12.75 19.07
CA GLY A 74 3.69 -11.61 19.82
C GLY A 74 2.21 -11.41 19.62
N TYR A 75 1.54 -12.30 18.92
CA TYR A 75 0.11 -12.12 18.64
C TYR A 75 -0.79 -12.68 19.75
N GLU A 76 -0.63 -12.12 20.93
CA GLU A 76 -1.41 -12.50 22.11
C GLU A 76 -1.45 -11.28 23.00
N TYR A 77 -2.34 -11.31 23.97
CA TYR A 77 -2.71 -10.07 24.65
C TYR A 77 -1.68 -9.54 25.62
N ASP A 78 -0.81 -10.39 26.11
CA ASP A 78 0.24 -9.88 26.94
C ASP A 78 1.11 -8.92 26.08
N THR A 79 1.47 -9.35 24.86
CA THR A 79 2.32 -8.55 24.01
C THR A 79 1.56 -7.35 23.46
N PHE A 80 0.34 -7.58 23.02
CA PHE A 80 -0.44 -6.51 22.46
C PHE A 80 -0.59 -5.41 23.52
N THR A 81 -0.73 -5.83 24.77
CA THR A 81 -0.93 -4.80 25.81
C THR A 81 0.37 -4.08 26.17
N SER A 82 1.48 -4.80 26.08
CA SER A 82 2.77 -4.24 26.24
C SER A 82 3.07 -3.20 25.12
N ASP A 83 2.71 -3.52 23.88
CA ASP A 83 2.86 -2.57 22.77
C ASP A 83 2.06 -1.27 23.10
N LEU A 84 0.81 -1.43 23.56
CA LEU A 84 -0.04 -0.30 23.93
C LEU A 84 0.69 0.51 25.03
N HIS A 85 1.28 -0.20 25.99
CA HIS A 85 1.92 0.50 27.11
C HIS A 85 3.06 1.35 26.57
N GLN A 86 3.83 0.79 25.65
CA GLN A 86 4.96 1.55 25.08
C GLN A 86 4.55 2.78 24.30
N LEU A 87 3.42 2.68 23.62
CA LEU A 87 2.85 3.79 22.93
C LEU A 87 2.48 4.88 23.94
N LEU A 88 1.83 4.50 25.03
CA LEU A 88 1.44 5.51 26.08
C LEU A 88 2.67 6.15 26.71
N GLU A 89 3.66 5.30 27.02
CA GLU A 89 4.91 5.74 27.62
CA GLU A 89 4.90 5.75 27.63
C GLU A 89 5.68 6.65 26.71
N GLN A 90 5.83 6.25 25.46
CA GLN A 90 6.60 7.04 24.51
C GLN A 90 5.97 8.38 24.18
N LEU A 91 4.66 8.44 24.15
CA LEU A 91 3.98 9.68 23.81
C LEU A 91 3.66 10.42 25.14
N GLU A 92 4.07 9.84 26.27
CA GLU A 92 3.88 10.47 27.58
C GLU A 92 2.45 10.89 27.83
N LEU A 93 1.51 10.00 27.48
CA LEU A 93 0.08 10.33 27.53
C LEU A 93 -0.41 10.19 28.96
N GLN A 94 -1.08 11.23 29.43
CA GLN A 94 -1.69 11.28 30.75
C GLN A 94 -3.20 11.46 30.63
N ASN A 95 -3.99 11.02 31.63
CA ASN A 95 -5.42 11.33 31.65
C ASN A 95 -6.10 10.82 30.36
N VAL A 96 -5.70 9.62 29.96
CA VAL A 96 -6.16 9.01 28.70
C VAL A 96 -7.53 8.32 28.74
N THR A 97 -8.30 8.39 27.66
CA THR A 97 -9.41 7.48 27.45
C THR A 97 -8.96 6.47 26.43
N LEU A 98 -9.20 5.20 26.73
CA LEU A 98 -8.96 4.09 25.79
C LEU A 98 -10.31 3.67 25.22
N VAL A 99 -10.36 3.57 23.90
CA VAL A 99 -11.53 3.11 23.19
C VAL A 99 -11.12 1.87 22.44
N GLY A 100 -11.63 0.71 22.83
CA GLY A 100 -11.28 -0.56 22.16
C GLY A 100 -12.47 -1.04 21.34
N PHE A 101 -12.26 -1.21 20.04
CA PHE A 101 -13.32 -1.78 19.17
C PHE A 101 -13.00 -3.28 18.96
N SER A 102 -14.03 -4.12 19.11
CA SER A 102 -13.91 -5.58 18.93
C SER A 102 -12.73 -6.17 19.69
N MSE A 103 -11.76 -6.83 19.02
CA MSE A 103 -10.62 -7.30 19.78
C MSE A 103 -9.81 -6.24 20.52
O MSE A 103 -9.12 -6.57 21.47
CB MSE A 103 -9.67 -8.17 18.91
CG MSE A 103 -8.81 -7.43 18.03
SE MSE A 103 -7.42 -8.55 17.20
CE MSE A 103 -6.35 -8.75 18.77
N GLY A 104 -9.91 -4.96 20.12
CA GLY A 104 -9.26 -3.86 20.83
C GLY A 104 -9.77 -3.66 22.26
N GLY A 105 -10.97 -4.14 22.55
CA GLY A 105 -11.45 -4.22 23.96
C GLY A 105 -10.58 -5.08 24.85
N GLY A 106 -9.94 -6.05 24.22
CA GLY A 106 -8.96 -6.87 24.93
C GLY A 106 -7.76 -6.11 25.44
N GLU A 107 -7.15 -5.24 24.62
CA GLU A 107 -6.09 -4.40 25.12
C GLU A 107 -6.63 -3.49 26.24
N VAL A 108 -7.84 -3.02 26.15
CA VAL A 108 -8.42 -2.11 27.19
C VAL A 108 -8.46 -2.87 28.54
N ALA A 109 -9.09 -4.03 28.50
CA ALA A 109 -9.25 -4.89 29.68
C ALA A 109 -7.90 -5.24 30.31
N ARG A 110 -6.99 -5.75 29.49
CA ARG A 110 -5.68 -6.18 29.97
C ARG A 110 -4.78 -5.03 30.43
N TYR A 111 -4.86 -3.86 29.80
CA TYR A 111 -4.08 -2.72 30.21
C TYR A 111 -4.39 -2.34 31.65
N ILE A 112 -5.69 -2.24 31.91
CA ILE A 112 -6.14 -1.78 33.23
C ILE A 112 -5.72 -2.80 34.31
N SER A 113 -5.88 -4.08 33.99
CA SER A 113 -5.49 -5.18 34.84
C SER A 113 -3.99 -5.22 35.11
N THR A 114 -3.18 -5.07 34.07
CA THR A 114 -1.73 -5.22 34.19
C THR A 114 -1.00 -3.97 34.64
N TYR A 115 -1.40 -2.82 34.13
CA TYR A 115 -0.68 -1.56 34.33
C TYR A 115 -1.36 -0.62 35.27
N GLY A 116 -2.61 -0.93 35.60
CA GLY A 116 -3.36 -0.12 36.54
C GLY A 116 -4.02 1.02 35.84
N THR A 117 -4.57 1.91 36.66
CA THR A 117 -5.41 3.00 36.18
CA THR A 117 -5.41 3.00 36.16
C THR A 117 -4.76 4.38 36.30
N ASP A 118 -3.51 4.44 36.70
CA ASP A 118 -2.90 5.76 36.94
C ASP A 118 -2.84 6.73 35.73
N ARG A 119 -2.67 6.23 34.51
CA ARG A 119 -2.64 7.08 33.31
C ARG A 119 -4.07 7.29 32.76
N ILE A 120 -5.06 6.58 33.28
CA ILE A 120 -6.33 6.36 32.53
C ILE A 120 -7.49 7.11 33.15
N GLU A 121 -8.27 7.82 32.34
CA GLU A 121 -9.46 8.54 32.87
C GLU A 121 -10.74 7.73 32.68
N LYS A 122 -11.01 7.38 31.43
CA LYS A 122 -12.22 6.66 31.08
C LYS A 122 -11.90 5.58 30.06
N VAL A 123 -12.81 4.63 29.91
CA VAL A 123 -12.65 3.58 28.91
C VAL A 123 -13.95 3.29 28.21
N VAL A 124 -13.83 2.79 26.98
CA VAL A 124 -14.98 2.50 26.15
C VAL A 124 -14.75 1.14 25.48
N PHE A 125 -15.74 0.25 25.57
CA PHE A 125 -15.75 -1.04 24.90
C PHE A 125 -16.77 -0.95 23.78
N ALA A 126 -16.29 -0.95 22.54
CA ALA A 126 -17.13 -0.70 21.42
C ALA A 126 -17.22 -1.95 20.57
N GLY A 127 -18.39 -2.59 20.52
CA GLY A 127 -18.55 -3.85 19.74
C GLY A 127 -17.44 -4.83 20.13
N ALA A 128 -17.14 -4.85 21.42
CA ALA A 128 -15.91 -5.42 21.93
C ALA A 128 -16.05 -6.86 22.47
N VAL A 129 -14.96 -7.61 22.35
CA VAL A 129 -14.95 -9.01 22.66
C VAL A 129 -15.08 -9.46 24.12
N PRO A 130 -14.68 -8.63 25.11
CA PRO A 130 -14.87 -9.07 26.51
C PRO A 130 -16.35 -9.33 26.82
N PRO A 131 -16.64 -10.10 27.86
CA PRO A 131 -15.66 -10.59 28.82
C PRO A 131 -14.85 -11.79 28.39
N TYR A 132 -15.40 -12.62 27.52
CA TYR A 132 -14.78 -13.93 27.20
C TYR A 132 -15.60 -14.57 26.11
N LEU A 133 -15.05 -14.55 24.90
CA LEU A 133 -15.85 -14.79 23.73
C LEU A 133 -16.07 -16.31 23.44
N TYR A 134 -15.27 -17.16 24.04
CA TYR A 134 -15.36 -18.59 23.83
C TYR A 134 -16.66 -19.14 24.43
N LYS A 135 -17.37 -19.93 23.65
CA LYS A 135 -18.61 -20.53 24.07
C LYS A 135 -18.48 -22.03 24.20
N SER A 136 -18.93 -22.58 25.34
CA SER A 136 -18.77 -23.99 25.68
C SER A 136 -19.87 -24.39 26.65
N GLU A 137 -20.05 -25.70 26.91
CA GLU A 137 -21.00 -26.13 27.95
C GLU A 137 -20.80 -25.49 29.32
N ASP A 138 -19.53 -25.42 29.72
CA ASP A 138 -19.18 -24.75 30.99
C ASP A 138 -19.15 -23.23 30.91
N HIS A 139 -19.01 -22.64 29.72
CA HIS A 139 -19.11 -21.21 29.57
C HIS A 139 -20.09 -20.85 28.42
N PRO A 140 -21.38 -21.06 28.67
CA PRO A 140 -22.37 -20.94 27.63
C PRO A 140 -22.65 -19.56 27.14
N GLU A 141 -22.28 -18.56 27.95
CA GLU A 141 -22.50 -17.19 27.60
C GLU A 141 -21.39 -16.55 26.79
N GLY A 142 -20.46 -17.34 26.28
CA GLY A 142 -19.60 -16.87 25.20
C GLY A 142 -20.38 -16.76 23.90
N ALA A 143 -19.69 -16.28 22.86
CA ALA A 143 -20.32 -16.03 21.58
C ALA A 143 -19.88 -17.05 20.54
N LEU A 144 -18.65 -17.51 20.60
CA LEU A 144 -18.07 -18.33 19.50
C LEU A 144 -17.72 -19.71 20.01
N ASP A 145 -18.39 -20.73 19.46
CA ASP A 145 -18.08 -22.09 19.82
C ASP A 145 -16.93 -22.66 18.97
N ASP A 146 -16.49 -23.84 19.35
CA ASP A 146 -15.34 -24.45 18.68
C ASP A 146 -15.47 -24.53 17.18
N ALA A 147 -16.64 -24.90 16.72
CA ALA A 147 -16.82 -25.09 15.32
C ALA A 147 -16.66 -23.78 14.57
N THR A 148 -17.23 -22.71 15.10
CA THR A 148 -17.18 -21.39 14.50
C THR A 148 -15.73 -20.93 14.47
N ILE A 149 -15.05 -21.10 15.60
CA ILE A 149 -13.66 -20.75 15.70
C ILE A 149 -12.85 -21.48 14.63
N GLU A 150 -13.06 -22.78 14.49
CA GLU A 150 -12.34 -23.54 13.44
C GLU A 150 -12.66 -23.12 12.02
N THR A 151 -13.91 -22.71 11.75
CA THR A 151 -14.24 -22.11 10.44
C THR A 151 -13.47 -20.82 10.14
N PHE A 152 -13.20 -19.98 11.14
CA PHE A 152 -12.35 -18.79 10.97
C PHE A 152 -10.95 -19.21 10.64
N LYS A 153 -10.39 -20.13 11.44
CA LYS A 153 -8.99 -20.48 11.24
C LYS A 153 -8.80 -21.14 9.90
N SER A 154 -9.70 -22.05 9.55
CA SER A 154 -9.65 -22.76 8.27
CA SER A 154 -9.61 -22.76 8.29
C SER A 154 -9.70 -21.82 7.10
N GLY A 155 -10.59 -20.83 7.17
CA GLY A 155 -10.73 -19.85 6.08
C GLY A 155 -9.47 -19.08 5.88
N VAL A 156 -8.86 -18.64 6.99
CA VAL A 156 -7.64 -17.82 6.90
C VAL A 156 -6.48 -18.65 6.37
N ILE A 157 -6.44 -19.92 6.77
CA ILE A 157 -5.39 -20.83 6.34
C ILE A 157 -5.49 -21.17 4.87
N ASN A 158 -6.69 -21.42 4.40
CA ASN A 158 -6.84 -22.01 3.11
C ASN A 158 -7.13 -21.02 1.97
N ASP A 159 -7.83 -19.93 2.25
CA ASP A 159 -7.90 -18.78 1.29
C ASP A 159 -8.34 -17.56 2.03
N ARG A 160 -7.34 -16.96 2.64
CA ARG A 160 -7.49 -15.74 3.42
C ARG A 160 -8.20 -14.66 2.62
N LEU A 161 -7.89 -14.51 1.33
CA LEU A 161 -8.34 -13.32 0.61
C LEU A 161 -9.82 -13.47 0.36
N ALA A 162 -10.21 -14.66 -0.03
CA ALA A 162 -11.68 -14.92 -0.21
C ALA A 162 -12.42 -14.84 1.11
N PHE A 163 -11.79 -15.36 2.17
CA PHE A 163 -12.43 -15.37 3.49
C PHE A 163 -12.69 -13.96 3.95
N LEU A 164 -11.72 -13.10 3.70
CA LEU A 164 -11.85 -11.68 4.07
C LEU A 164 -12.92 -10.99 3.25
N ASP A 165 -13.04 -11.34 1.99
CA ASP A 165 -14.07 -10.75 1.18
C ASP A 165 -15.42 -11.02 1.85
N GLU A 166 -15.69 -12.27 2.12
CA GLU A 166 -16.94 -12.59 2.84
C GLU A 166 -17.07 -11.99 4.21
N PHE A 167 -16.00 -12.00 5.00
CA PHE A 167 -16.05 -11.42 6.34
C PHE A 167 -16.43 -9.94 6.32
N THR A 168 -15.84 -9.17 5.40
CA THR A 168 -16.16 -7.75 5.29
C THR A 168 -17.60 -7.47 4.92
N LYS A 169 -18.24 -8.38 4.20
CA LYS A 169 -19.66 -8.25 3.92
C LYS A 169 -20.48 -8.36 5.20
N GLY A 170 -20.17 -9.31 6.05
CA GLY A 170 -20.97 -9.55 7.23
C GLY A 170 -20.68 -8.50 8.30
N PHE A 171 -19.46 -7.97 8.27
CA PHE A 171 -18.99 -6.99 9.26
C PHE A 171 -19.92 -5.77 9.37
N PHE A 172 -20.47 -5.34 8.23
CA PHE A 172 -21.29 -4.13 8.16
C PHE A 172 -22.78 -4.39 7.93
N ALA A 173 -23.18 -5.64 8.06
CA ALA A 173 -24.58 -6.05 7.80
C ALA A 173 -25.29 -6.19 9.11
N ALA A 174 -26.54 -5.75 9.14
CA ALA A 174 -27.37 -5.81 10.34
C ALA A 174 -28.47 -6.71 9.95
N GLY A 175 -28.43 -7.94 10.46
CA GLY A 175 -29.32 -9.03 9.96
C GLY A 175 -29.29 -9.06 8.43
N ASP A 176 -30.45 -8.91 7.82
CA ASP A 176 -30.63 -8.98 6.37
C ASP A 176 -30.26 -7.74 5.60
N ARG A 177 -29.93 -6.67 6.32
CA ARG A 177 -29.60 -5.40 5.70
CA ARG A 177 -29.60 -5.37 5.68
C ARG A 177 -28.11 -5.30 5.37
N THR A 178 -27.78 -5.18 4.08
CA THR A 178 -26.39 -5.17 3.65
C THR A 178 -26.09 -3.94 2.83
N ASP A 179 -26.92 -2.90 2.93
CA ASP A 179 -26.71 -1.65 2.20
C ASP A 179 -26.26 -0.57 3.18
N LEU A 180 -25.63 -0.96 4.27
CA LEU A 180 -25.30 0.05 5.27
C LEU A 180 -23.98 0.79 4.94
N VAL A 181 -23.19 0.16 4.06
CA VAL A 181 -22.01 0.81 3.44
C VAL A 181 -22.00 0.63 1.95
N SER A 182 -21.22 1.45 1.25
CA SER A 182 -21.01 1.25 -0.15
C SER A 182 -20.06 0.11 -0.42
N GLU A 183 -20.15 -0.41 -1.64
CA GLU A 183 -19.19 -1.42 -2.07
C GLU A 183 -17.75 -0.88 -2.05
N SER A 184 -17.58 0.38 -2.46
CA SER A 184 -16.24 1.04 -2.41
C SER A 184 -15.65 1.04 -1.02
N PHE A 185 -16.47 1.39 -0.05
CA PHE A 185 -16.05 1.38 1.33
C PHE A 185 -15.73 -0.05 1.82
N ARG A 186 -16.56 -1.02 1.47
CA ARG A 186 -16.30 -2.39 1.87
C ARG A 186 -14.98 -2.87 1.28
N LEU A 187 -14.78 -2.59 0.01
CA LEU A 187 -13.57 -3.02 -0.68
C LEU A 187 -12.29 -2.35 -0.14
N TYR A 188 -12.44 -1.11 0.27
CA TYR A 188 -11.38 -0.34 0.97
C TYR A 188 -10.94 -1.11 2.18
N ASN A 189 -11.93 -1.55 2.97
CA ASN A 189 -11.66 -2.32 4.20
C ASN A 189 -11.08 -3.72 3.90
N TRP A 190 -11.61 -4.36 2.87
CA TRP A 190 -11.01 -5.59 2.39
C TRP A 190 -9.51 -5.44 2.13
N ASP A 191 -9.16 -4.36 1.43
CA ASP A 191 -7.76 -4.17 1.02
C ASP A 191 -6.88 -3.91 2.24
N ILE A 192 -7.38 -3.18 3.22
CA ILE A 192 -6.63 -2.99 4.44
C ILE A 192 -6.34 -4.34 5.11
N ALA A 193 -7.35 -5.23 5.15
CA ALA A 193 -7.18 -6.55 5.79
C ALA A 193 -6.24 -7.41 4.96
N ALA A 194 -6.31 -7.28 3.63
CA ALA A 194 -5.50 -8.12 2.73
C ALA A 194 -4.02 -7.95 2.96
N GLY A 195 -3.62 -6.73 3.32
CA GLY A 195 -2.22 -6.43 3.49
C GLY A 195 -1.65 -6.85 4.82
N ALA A 196 -2.49 -7.35 5.74
CA ALA A 196 -2.02 -7.75 7.09
C ALA A 196 -1.19 -9.01 7.02
N SER A 197 -0.46 -9.23 8.09
CA SER A 197 0.26 -10.45 8.25
C SER A 197 -0.67 -11.64 8.24
N PRO A 198 -0.39 -12.65 7.40
CA PRO A 198 -1.18 -13.88 7.51
C PRO A 198 -1.08 -14.57 8.82
N LYS A 199 0.08 -14.56 9.43
CA LYS A 199 0.24 -15.20 10.74
C LYS A 199 -0.45 -14.45 11.80
N GLY A 200 -0.29 -13.12 11.80
CA GLY A 200 -1.00 -12.26 12.76
C GLY A 200 -2.49 -12.40 12.66
N THR A 201 -2.98 -12.43 11.43
CA THR A 201 -4.39 -12.63 11.17
C THR A 201 -4.93 -13.94 11.82
N LEU A 202 -4.19 -15.02 11.70
CA LEU A 202 -4.56 -16.30 12.24
C LEU A 202 -4.48 -16.38 13.74
N ASP A 203 -3.34 -15.96 14.29
CA ASP A 203 -3.14 -16.06 15.72
C ASP A 203 -4.15 -15.16 16.40
N CYS A 204 -4.46 -13.99 15.83
CA CYS A 204 -5.46 -13.14 16.47
C CYS A 204 -6.77 -13.87 16.77
N ILE A 205 -7.18 -14.78 15.90
CA ILE A 205 -8.46 -15.49 16.07
C ILE A 205 -8.45 -16.24 17.40
N THR A 206 -7.35 -16.92 17.68
CA THR A 206 -7.17 -17.57 18.98
C THR A 206 -7.11 -16.59 20.15
N ALA A 207 -6.40 -15.47 19.97
CA ALA A 207 -6.32 -14.44 21.01
C ALA A 207 -7.67 -13.88 21.39
N PHE A 208 -8.44 -13.46 20.39
CA PHE A 208 -9.69 -12.76 20.70
C PHE A 208 -10.78 -13.73 21.08
N SER A 209 -10.73 -14.94 20.56
CA SER A 209 -11.79 -15.90 20.92
C SER A 209 -11.54 -16.66 22.19
N LYS A 210 -10.27 -16.90 22.57
CA LYS A 210 -9.96 -17.79 23.72
C LYS A 210 -9.37 -17.11 24.96
N THR A 211 -9.13 -15.80 24.87
CA THR A 211 -8.72 -15.08 26.03
C THR A 211 -9.86 -14.68 26.97
N ASP A 212 -9.70 -15.01 28.24
CA ASP A 212 -10.70 -14.74 29.27
C ASP A 212 -10.38 -13.44 29.97
N PHE A 213 -11.20 -12.43 29.76
CA PHE A 213 -10.98 -11.14 30.44
C PHE A 213 -11.75 -10.95 31.72
N ARG A 214 -12.40 -11.98 32.24
CA ARG A 214 -13.31 -11.76 33.37
C ARG A 214 -12.60 -11.21 34.60
N LYS A 215 -11.42 -11.75 34.88
CA LYS A 215 -10.62 -11.27 36.01
C LYS A 215 -10.16 -9.83 35.83
N ASP A 216 -9.89 -9.45 34.58
CA ASP A 216 -9.42 -8.12 34.26
C ASP A 216 -10.55 -7.09 34.51
N LEU A 217 -11.80 -7.45 34.16
CA LEU A 217 -12.88 -6.50 34.26
C LEU A 217 -13.16 -6.17 35.72
N GLU A 218 -12.83 -7.10 36.61
CA GLU A 218 -12.98 -6.87 38.05
C GLU A 218 -12.25 -5.61 38.54
N LYS A 219 -11.18 -5.19 37.86
CA LYS A 219 -10.39 -4.05 38.29
C LYS A 219 -10.86 -2.67 37.78
N PHE A 220 -11.99 -2.62 37.08
CA PHE A 220 -12.45 -1.41 36.41
C PHE A 220 -13.19 -0.51 37.38
N ASN A 221 -12.47 0.41 38.02
CA ASN A 221 -13.05 1.43 38.90
C ASN A 221 -12.99 2.86 38.33
N ILE A 222 -13.07 2.94 37.01
CA ILE A 222 -13.08 4.20 36.28
C ILE A 222 -14.32 4.20 35.42
N PRO A 223 -14.81 5.38 35.03
CA PRO A 223 -16.03 5.43 34.23
C PRO A 223 -15.85 4.61 32.95
N THR A 224 -16.85 3.79 32.61
CA THR A 224 -16.77 2.83 31.52
C THR A 224 -18.05 2.97 30.70
N LEU A 225 -17.87 2.99 29.39
CA LEU A 225 -18.97 3.01 28.42
C LEU A 225 -18.91 1.77 27.59
N ILE A 226 -20.06 1.16 27.35
CA ILE A 226 -20.18 0.09 26.38
C ILE A 226 -21.02 0.61 25.23
N ILE A 227 -20.47 0.62 24.01
CA ILE A 227 -21.21 1.02 22.87
C ILE A 227 -21.34 -0.23 22.05
N HIS A 228 -22.53 -0.62 21.62
CA HIS A 228 -22.64 -1.92 20.92
C HIS A 228 -23.88 -1.89 20.05
N GLY A 229 -23.84 -2.60 18.95
CA GLY A 229 -25.02 -2.67 18.14
C GLY A 229 -25.93 -3.78 18.62
N ASP A 230 -27.24 -3.62 18.39
CA ASP A 230 -28.18 -4.69 18.70
C ASP A 230 -28.23 -5.75 17.57
N SER A 231 -27.47 -5.57 16.49
CA SER A 231 -27.49 -6.48 15.34
C SER A 231 -26.10 -6.88 14.90
N ASP A 232 -25.24 -7.12 15.89
CA ASP A 232 -23.83 -7.41 15.62
C ASP A 232 -23.66 -8.93 15.43
N ALA A 233 -23.40 -9.36 14.20
CA ALA A 233 -23.36 -10.78 13.88
C ALA A 233 -22.11 -11.45 14.44
N THR A 234 -21.01 -10.70 14.50
CA THR A 234 -19.70 -11.27 14.76
C THR A 234 -19.49 -11.37 16.24
N VAL A 235 -19.88 -10.33 16.98
CA VAL A 235 -19.76 -10.23 18.43
C VAL A 235 -21.10 -9.80 18.99
N PRO A 236 -22.02 -10.75 19.23
CA PRO A 236 -23.35 -10.31 19.65
C PRO A 236 -23.35 -9.69 21.00
N PHE A 237 -24.11 -8.62 21.15
CA PHE A 237 -24.21 -7.87 22.40
C PHE A 237 -24.45 -8.75 23.62
N GLU A 238 -25.39 -9.69 23.50
CA GLU A 238 -25.78 -10.53 24.63
C GLU A 238 -24.66 -11.35 25.24
N TYR A 239 -23.65 -11.65 24.42
CA TYR A 239 -22.56 -12.52 24.81
C TYR A 239 -21.25 -11.73 24.88
N SER A 240 -21.36 -10.41 24.95
CA SER A 240 -20.15 -9.57 25.05
C SER A 240 -20.46 -8.29 25.83
N GLY A 241 -20.82 -7.21 25.12
CA GLY A 241 -21.11 -5.95 25.78
C GLY A 241 -22.08 -5.98 26.93
N LYS A 242 -23.16 -6.75 26.80
CA LYS A 242 -24.17 -6.88 27.84
C LYS A 242 -23.50 -7.41 29.11
N LEU A 243 -22.63 -8.39 28.91
CA LEU A 243 -21.96 -9.06 30.04
C LEU A 243 -20.83 -8.19 30.61
N THR A 244 -20.17 -7.43 29.72
CA THR A 244 -19.20 -6.45 30.19
C THR A 244 -19.85 -5.39 31.06
N HIS A 245 -21.03 -4.95 30.66
CA HIS A 245 -21.78 -3.98 31.45
C HIS A 245 -22.11 -4.54 32.84
N GLU A 246 -22.52 -5.81 32.87
CA GLU A 246 -22.86 -6.50 34.11
C GLU A 246 -21.63 -6.71 34.93
N ALA A 247 -20.47 -6.97 34.28
CA ALA A 247 -19.22 -7.17 35.00
C ALA A 247 -18.70 -5.90 35.67
N ILE A 248 -19.10 -4.72 35.16
CA ILE A 248 -18.55 -3.43 35.58
C ILE A 248 -19.71 -2.55 35.96
N PRO A 249 -19.95 -2.48 37.26
CA PRO A 249 -21.24 -1.92 37.66
C PRO A 249 -21.41 -0.44 37.35
N ASN A 250 -20.32 0.33 37.41
CA ASN A 250 -20.37 1.72 37.05
C ASN A 250 -20.80 1.97 35.59
N SER A 251 -20.77 0.95 34.74
CA SER A 251 -20.74 1.24 33.30
C SER A 251 -22.08 1.65 32.72
N LYS A 252 -22.03 2.49 31.69
CA LYS A 252 -23.17 2.97 30.90
C LYS A 252 -23.22 2.15 29.61
N VAL A 253 -24.43 1.92 29.06
CA VAL A 253 -24.53 1.23 27.78
C VAL A 253 -25.22 2.12 26.76
N ALA A 254 -24.68 2.15 25.55
CA ALA A 254 -25.34 2.79 24.45
C ALA A 254 -25.56 1.66 23.46
N LEU A 255 -26.78 1.11 23.42
CA LEU A 255 -27.07 -0.02 22.55
C LEU A 255 -27.75 0.57 21.33
N ILE A 256 -27.11 0.45 20.16
CA ILE A 256 -27.52 1.19 18.98
C ILE A 256 -28.38 0.30 18.14
N LYS A 257 -29.60 0.78 17.93
CA LYS A 257 -30.61 0.05 17.18
C LYS A 257 -30.26 -0.06 15.72
N GLY A 258 -30.27 -1.29 15.23
CA GLY A 258 -29.84 -1.57 13.88
C GLY A 258 -28.36 -1.57 13.70
N GLY A 259 -27.60 -1.45 14.78
CA GLY A 259 -26.18 -1.45 14.70
C GLY A 259 -25.53 -2.79 14.39
N PRO A 260 -24.73 -2.85 13.32
CA PRO A 260 -23.95 -4.05 12.99
C PRO A 260 -22.66 -4.02 13.76
N HIS A 261 -21.74 -4.92 13.43
CA HIS A 261 -20.41 -4.92 14.05
C HIS A 261 -19.70 -3.64 13.76
N GLY A 262 -19.65 -3.24 12.48
CA GLY A 262 -18.90 -2.03 12.08
C GLY A 262 -19.70 -0.76 12.29
N LEU A 263 -20.37 -0.64 13.43
CA LEU A 263 -21.31 0.45 13.64
C LEU A 263 -20.69 1.84 13.80
N ASN A 264 -19.37 1.87 14.10
CA ASN A 264 -18.68 3.16 14.10
C ASN A 264 -18.68 3.81 12.73
N ALA A 265 -18.86 3.00 11.66
CA ALA A 265 -19.01 3.51 10.29
C ALA A 265 -20.45 3.60 9.81
N THR A 266 -21.30 2.67 10.17
CA THR A 266 -22.64 2.64 9.64
C THR A 266 -23.55 3.58 10.44
N HIS A 267 -23.26 3.75 11.73
CA HIS A 267 -24.03 4.61 12.65
C HIS A 267 -23.09 5.60 13.32
N ALA A 268 -22.24 6.23 12.51
CA ALA A 268 -21.25 7.15 13.05
C ALA A 268 -21.82 8.23 13.96
N LYS A 269 -22.95 8.80 13.60
CA LYS A 269 -23.46 9.89 14.44
C LYS A 269 -23.90 9.40 15.77
N GLU A 270 -24.58 8.26 15.81
CA GLU A 270 -25.04 7.73 17.07
CA GLU A 270 -25.04 7.71 17.08
C GLU A 270 -23.87 7.24 17.91
N PHE A 271 -22.89 6.63 17.27
CA PHE A 271 -21.66 6.22 17.93
C PHE A 271 -20.96 7.45 18.54
N ASN A 272 -20.76 8.47 17.72
CA ASN A 272 -20.00 9.62 18.15
C ASN A 272 -20.75 10.37 19.24
N GLU A 273 -22.08 10.42 19.13
CA GLU A 273 -22.82 11.10 20.20
C GLU A 273 -22.63 10.41 21.55
N ALA A 274 -22.67 9.09 21.56
CA ALA A 274 -22.50 8.33 22.79
C ALA A 274 -21.12 8.58 23.32
N LEU A 275 -20.14 8.54 22.43
CA LEU A 275 -18.74 8.78 22.85
C LEU A 275 -18.57 10.21 23.43
N LEU A 276 -19.01 11.23 22.72
CA LEU A 276 -18.85 12.60 23.19
C LEU A 276 -19.63 12.88 24.47
N LEU A 277 -20.81 12.31 24.64
CA LEU A 277 -21.57 12.60 25.86
C LEU A 277 -20.87 11.96 27.07
N PHE A 278 -20.15 10.88 26.80
CA PHE A 278 -19.45 10.16 27.85
C PHE A 278 -18.11 10.81 28.19
N LEU A 279 -17.40 11.28 27.18
CA LEU A 279 -16.07 11.88 27.32
C LEU A 279 -16.13 13.17 28.14
N LYS A 280 -17.21 13.93 28.02
CA LYS A 280 -17.29 15.17 28.73
C LYS A 280 -17.42 14.94 30.26
N ASP A 281 -17.11 15.99 31.00
CA ASP A 281 -17.17 15.87 32.45
C ASP A 281 -18.58 15.62 32.94
N SER B 1 16.25 7.39 -7.22
CA SER B 1 15.43 6.50 -6.28
C SER B 1 14.53 7.36 -5.40
N ASN B 2 13.83 6.70 -4.45
CA ASN B 2 12.95 7.41 -3.50
C ASN B 2 13.70 7.79 -2.22
N ALA B 3 13.20 8.81 -1.55
CA ALA B 3 13.74 9.28 -0.26
C ALA B 3 12.66 10.10 0.40
N MSE B 4 12.94 10.62 1.59
CA MSE B 4 12.00 11.43 2.35
C MSE B 4 12.68 12.75 2.59
O MSE B 4 13.89 12.76 2.96
CB MSE B 4 11.74 10.83 3.73
CG MSE B 4 10.91 9.57 3.81
SE MSE B 4 9.27 9.68 2.84
CE MSE B 4 8.35 8.26 3.79
N ALA B 5 11.95 13.84 2.43
CA ALA B 5 12.40 15.17 2.73
C ALA B 5 11.72 15.64 3.99
N LYS B 6 12.49 16.05 4.96
CA LYS B 6 11.92 16.43 6.25
C LYS B 6 11.51 17.88 6.13
N ILE B 7 10.29 18.17 6.53
CA ILE B 7 9.62 19.41 6.15
C ILE B 7 8.98 20.15 7.32
N ASN B 13 2.90 17.91 16.30
CA ASN B 13 3.07 17.30 17.61
C ASN B 13 4.58 17.01 17.85
N GLN B 14 5.03 15.76 17.79
CA GLN B 14 6.45 15.46 18.04
C GLN B 14 7.17 14.98 16.79
N ALA B 15 6.48 14.21 15.94
CA ALA B 15 7.09 13.60 14.78
C ALA B 15 7.21 14.60 13.63
N PRO B 16 8.35 14.62 12.93
CA PRO B 16 8.48 15.48 11.76
C PRO B 16 7.47 15.16 10.68
N ILE B 17 7.19 16.12 9.78
CA ILE B 17 6.40 15.80 8.57
C ILE B 17 7.41 15.48 7.49
N GLU B 18 7.19 14.40 6.76
CA GLU B 18 8.11 14.02 5.70
C GLU B 18 7.33 14.00 4.42
N ILE B 19 7.99 14.47 3.38
CA ILE B 19 7.52 14.38 1.97
C ILE B 19 8.29 13.27 1.27
N TYR B 20 7.53 12.37 0.66
CA TYR B 20 8.08 11.31 -0.15
C TYR B 20 8.32 11.85 -1.51
N TYR B 21 9.51 11.58 -2.05
CA TYR B 21 9.81 11.94 -3.42
C TYR B 21 10.66 10.85 -4.06
N GLU B 22 10.68 10.91 -5.39
CA GLU B 22 11.45 10.05 -6.25
C GLU B 22 12.25 10.95 -7.18
N ASP B 23 13.48 10.56 -7.44
CA ASP B 23 14.46 11.36 -8.16
C ASP B 23 15.14 10.46 -9.17
N HIS B 24 14.84 10.65 -10.45
CA HIS B 24 15.35 9.75 -11.49
C HIS B 24 16.11 10.46 -12.59
N GLY B 25 17.23 9.85 -12.96
CA GLY B 25 18.04 10.36 -14.02
C GLY B 25 18.93 11.52 -13.65
N THR B 26 19.61 12.07 -14.65
CA THR B 26 20.61 13.10 -14.45
C THR B 26 20.33 14.13 -15.53
N GLY B 27 20.57 15.40 -15.22
CA GLY B 27 20.29 16.46 -16.18
C GLY B 27 19.59 17.61 -15.49
N LYS B 28 19.09 18.58 -16.28
CA LYS B 28 18.32 19.68 -15.67
C LYS B 28 17.06 19.08 -15.05
N PRO B 29 16.61 19.62 -13.91
CA PRO B 29 15.53 19.03 -13.16
C PRO B 29 14.14 19.46 -13.64
N VAL B 30 13.21 18.52 -13.68
CA VAL B 30 11.78 18.77 -14.00
C VAL B 30 11.00 18.18 -12.83
N VAL B 31 10.31 19.05 -12.12
CA VAL B 31 9.67 18.72 -10.84
C VAL B 31 8.18 18.63 -11.16
N LEU B 32 7.58 17.45 -11.00
CA LEU B 32 6.19 17.18 -11.39
C LEU B 32 5.33 17.13 -10.13
N ILE B 33 4.34 18.00 -10.10
CA ILE B 33 3.48 18.23 -8.93
C ILE B 33 2.10 17.74 -9.24
N HIS B 34 1.70 16.68 -8.56
CA HIS B 34 0.44 15.96 -8.92
C HIS B 34 -0.83 16.70 -8.46
N GLY B 35 -1.98 16.24 -8.96
CA GLY B 35 -3.28 16.82 -8.61
C GLY B 35 -3.99 16.00 -7.53
N TRP B 36 -5.14 16.51 -7.09
CA TRP B 36 -5.95 15.88 -6.05
C TRP B 36 -6.79 14.76 -6.62
N PRO B 37 -7.02 13.69 -5.86
CA PRO B 37 -6.39 13.33 -4.58
C PRO B 37 -5.41 12.19 -4.82
N LEU B 38 -4.51 12.35 -5.78
CA LEU B 38 -3.65 11.26 -6.23
C LEU B 38 -2.27 11.30 -5.59
N SER B 39 -1.18 11.15 -6.37
CA SER B 39 0.16 11.13 -5.84
C SER B 39 1.12 11.28 -7.01
N GLY B 40 2.38 11.25 -6.71
CA GLY B 40 3.43 11.20 -7.72
C GLY B 40 3.32 10.08 -8.74
N ARG B 41 2.62 9.01 -8.40
CA ARG B 41 2.51 7.86 -9.31
C ARG B 41 1.64 8.18 -10.55
N SER B 42 0.89 9.26 -10.45
CA SER B 42 0.12 9.78 -11.57
CA SER B 42 0.13 9.85 -11.56
C SER B 42 0.98 10.21 -12.79
N TRP B 43 2.28 10.43 -12.61
CA TRP B 43 3.16 10.83 -13.68
C TRP B 43 3.75 9.68 -14.46
N GLU B 44 3.23 8.47 -14.30
CA GLU B 44 3.78 7.27 -14.92
C GLU B 44 4.19 7.42 -16.37
N TYR B 45 3.34 8.12 -17.13
CA TYR B 45 3.60 8.22 -18.56
C TYR B 45 4.58 9.32 -18.97
N GLN B 46 4.94 10.20 -18.05
CA GLN B 46 5.87 11.31 -18.31
C GLN B 46 7.33 10.97 -17.92
N VAL B 47 7.52 10.26 -16.81
CA VAL B 47 8.85 9.98 -16.33
C VAL B 47 9.81 9.44 -17.42
N PRO B 48 9.46 8.36 -18.10
CA PRO B 48 10.42 7.79 -19.03
C PRO B 48 10.85 8.70 -20.17
N ALA B 49 9.88 9.39 -20.73
CA ALA B 49 10.17 10.23 -21.88
C ALA B 49 11.08 11.39 -21.46
N LEU B 50 10.85 11.94 -20.28
CA LEU B 50 11.70 13.01 -19.76
C LEU B 50 13.15 12.57 -19.52
N VAL B 51 13.35 11.44 -18.84
CA VAL B 51 14.67 10.95 -18.57
C VAL B 51 15.39 10.60 -19.90
N GLU B 52 14.66 9.94 -20.79
CA GLU B 52 15.20 9.55 -22.13
CA GLU B 52 15.24 9.57 -22.12
C GLU B 52 15.65 10.81 -22.90
N ALA B 53 14.96 11.94 -22.69
CA ALA B 53 15.33 13.23 -23.30
C ALA B 53 16.50 13.95 -22.65
N GLY B 54 16.94 13.44 -21.51
CA GLY B 54 18.16 13.92 -20.85
C GLY B 54 17.87 14.84 -19.66
N TYR B 55 16.69 14.70 -19.07
CA TYR B 55 16.33 15.47 -17.87
C TYR B 55 16.36 14.57 -16.65
N ARG B 56 16.50 15.21 -15.50
CA ARG B 56 16.31 14.56 -14.21
C ARG B 56 14.89 14.83 -13.83
N VAL B 57 14.16 13.80 -13.41
CA VAL B 57 12.77 13.96 -13.03
C VAL B 57 12.53 13.71 -11.56
N ILE B 58 11.98 14.72 -10.88
CA ILE B 58 11.63 14.62 -9.48
C ILE B 58 10.10 14.67 -9.36
N THR B 59 9.54 13.64 -8.73
CA THR B 59 8.15 13.71 -8.32
C THR B 59 8.09 13.69 -6.81
N TYR B 60 6.99 14.21 -6.27
CA TYR B 60 6.81 14.13 -4.85
C TYR B 60 5.34 14.01 -4.55
N ASP B 61 5.07 13.50 -3.34
CA ASP B 61 3.70 13.32 -2.89
C ASP B 61 3.39 14.47 -1.93
N ARG B 62 2.32 15.22 -2.24
CA ARG B 62 1.86 16.32 -1.38
C ARG B 62 1.56 15.80 0.01
N ARG B 63 1.80 16.60 1.06
CA ARG B 63 1.50 16.18 2.43
C ARG B 63 0.07 15.66 2.43
N GLY B 64 -0.21 14.58 3.13
CA GLY B 64 -1.47 13.93 3.12
C GLY B 64 -1.76 12.90 2.04
N PHE B 65 -0.86 12.77 1.09
CA PHE B 65 -1.14 11.94 -0.10
C PHE B 65 0.01 11.00 -0.38
N GLY B 66 -0.30 9.98 -1.18
CA GLY B 66 0.72 8.97 -1.57
C GLY B 66 1.41 8.42 -0.31
N LYS B 67 2.74 8.52 -0.33
CA LYS B 67 3.59 7.97 0.71
C LYS B 67 4.12 8.98 1.72
N SER B 68 3.58 10.18 1.68
CA SER B 68 4.01 11.29 2.55
C SER B 68 3.32 11.22 3.90
N SER B 69 3.78 12.00 4.87
CA SER B 69 3.09 12.03 6.17
C SER B 69 1.62 12.48 6.00
N GLN B 70 0.78 12.13 6.98
CA GLN B 70 -0.62 12.54 6.97
C GLN B 70 -0.93 13.33 8.23
N PRO B 71 -0.47 14.58 8.27
CA PRO B 71 -0.73 15.42 9.48
C PRO B 71 -2.16 15.89 9.51
N TRP B 72 -2.54 16.58 10.59
CA TRP B 72 -3.85 17.19 10.71
C TRP B 72 -4.01 18.53 10.01
N GLU B 73 -2.93 19.33 9.94
CA GLU B 73 -3.00 20.68 9.40
CA GLU B 73 -3.01 20.67 9.38
C GLU B 73 -1.95 20.94 8.33
N GLY B 74 -1.99 22.15 7.78
CA GLY B 74 -1.09 22.55 6.74
C GLY B 74 -1.67 22.36 5.34
N TYR B 75 -2.94 22.01 5.24
CA TYR B 75 -3.57 21.76 3.94
C TYR B 75 -4.07 23.06 3.32
N GLU B 76 -3.12 23.96 3.06
CA GLU B 76 -3.37 25.23 2.35
C GLU B 76 -2.11 25.64 1.64
N TYR B 77 -2.21 26.61 0.72
CA TYR B 77 -1.09 26.86 -0.18
C TYR B 77 0.12 27.55 0.45
N ASP B 78 -0.05 28.28 1.53
CA ASP B 78 1.12 28.76 2.24
C ASP B 78 2.01 27.57 2.62
N THR B 79 1.43 26.59 3.28
CA THR B 79 2.19 25.40 3.71
C THR B 79 2.58 24.50 2.56
N PHE B 80 1.67 24.30 1.60
CA PHE B 80 1.99 23.46 0.43
C PHE B 80 3.17 24.06 -0.33
N THR B 81 3.22 25.38 -0.47
CA THR B 81 4.32 26.01 -1.19
C THR B 81 5.66 26.02 -0.37
N SER B 82 5.53 26.20 0.96
CA SER B 82 6.65 26.02 1.87
CA SER B 82 6.69 26.06 1.84
C SER B 82 7.27 24.61 1.77
N ASP B 83 6.41 23.59 1.68
CA ASP B 83 6.89 22.22 1.53
C ASP B 83 7.68 22.13 0.22
N LEU B 84 7.13 22.65 -0.85
CA LEU B 84 7.83 22.62 -2.17
C LEU B 84 9.17 23.34 -2.09
N HIS B 85 9.16 24.54 -1.50
CA HIS B 85 10.43 25.28 -1.26
C HIS B 85 11.48 24.46 -0.50
N GLN B 86 11.07 23.74 0.54
CA GLN B 86 12.04 22.95 1.29
C GLN B 86 12.66 21.84 0.47
N LEU B 87 11.84 21.19 -0.32
CA LEU B 87 12.33 20.15 -1.23
C LEU B 87 13.38 20.70 -2.20
N LEU B 88 13.10 21.84 -2.83
CA LEU B 88 14.01 22.41 -3.88
C LEU B 88 15.32 22.91 -3.24
N GLU B 89 15.17 23.45 -2.04
CA GLU B 89 16.32 23.87 -1.22
C GLU B 89 17.15 22.71 -0.77
N GLN B 90 16.51 21.69 -0.22
CA GLN B 90 17.25 20.52 0.22
C GLN B 90 17.98 19.84 -0.92
N LEU B 91 17.37 19.77 -2.10
CA LEU B 91 18.03 19.13 -3.24
C LEU B 91 18.96 20.06 -3.97
N GLU B 92 19.02 21.31 -3.53
CA GLU B 92 19.80 22.37 -4.19
C GLU B 92 19.58 22.42 -5.70
N LEU B 93 18.32 22.36 -6.12
CA LEU B 93 18.03 22.33 -7.54
C LEU B 93 18.23 23.67 -8.21
N GLN B 94 18.60 23.60 -9.47
CA GLN B 94 18.83 24.79 -10.29
CA GLN B 94 18.80 24.81 -10.26
C GLN B 94 18.25 24.59 -11.65
N ASN B 95 17.87 25.67 -12.31
CA ASN B 95 17.28 25.61 -13.63
C ASN B 95 16.05 24.65 -13.69
N VAL B 96 15.17 24.76 -12.72
CA VAL B 96 14.07 23.83 -12.57
C VAL B 96 12.97 24.20 -13.50
N THR B 97 12.29 23.19 -14.05
CA THR B 97 10.98 23.37 -14.66
C THR B 97 9.92 22.77 -13.72
N LEU B 98 9.06 23.63 -13.22
CA LEU B 98 8.01 23.21 -12.35
C LEU B 98 6.83 22.85 -13.23
N VAL B 99 6.28 21.65 -13.05
CA VAL B 99 5.10 21.22 -13.76
C VAL B 99 3.98 20.94 -12.73
N GLY B 100 2.95 21.75 -12.78
CA GLY B 100 1.87 21.67 -11.83
C GLY B 100 0.64 21.16 -12.49
N PHE B 101 0.16 19.98 -12.10
CA PHE B 101 -1.09 19.43 -12.61
C PHE B 101 -2.25 19.75 -11.69
N SER B 102 -3.33 20.26 -12.26
CA SER B 102 -4.53 20.62 -11.55
C SER B 102 -4.16 21.46 -10.30
N MSE B 103 -4.48 21.01 -9.08
CA MSE B 103 -4.10 21.79 -7.89
C MSE B 103 -2.60 22.06 -7.74
O MSE B 103 -2.21 23.03 -7.07
CB MSE B 103 -4.70 21.22 -6.57
CG MSE B 103 -4.05 20.00 -6.05
SE MSE B 103 -4.66 19.67 -4.18
CE MSE B 103 -3.73 21.09 -3.28
N GLY B 104 -1.76 21.25 -8.36
CA GLY B 104 -0.31 21.53 -8.38
C GLY B 104 0.09 22.78 -9.11
N GLY B 105 -0.78 23.32 -9.96
CA GLY B 105 -0.52 24.64 -10.50
C GLY B 105 -0.59 25.72 -9.42
N GLY B 106 -1.33 25.45 -8.34
CA GLY B 106 -1.32 26.38 -7.21
C GLY B 106 0.03 26.50 -6.54
N GLU B 107 0.72 25.40 -6.30
CA GLU B 107 2.07 25.52 -5.81
C GLU B 107 2.99 26.28 -6.78
N VAL B 108 2.83 26.06 -8.07
CA VAL B 108 3.65 26.78 -9.05
C VAL B 108 3.39 28.29 -8.96
N ALA B 109 2.12 28.68 -8.98
CA ALA B 109 1.77 30.08 -8.90
C ALA B 109 2.32 30.70 -7.66
N ARG B 110 2.11 30.04 -6.52
CA ARG B 110 2.49 30.65 -5.24
C ARG B 110 3.99 30.59 -5.02
N TYR B 111 4.68 29.61 -5.62
CA TYR B 111 6.11 29.47 -5.42
C TYR B 111 6.78 30.69 -6.11
N ILE B 112 6.38 31.00 -7.34
CA ILE B 112 7.02 32.09 -8.10
C ILE B 112 6.73 33.44 -7.42
N SER B 113 5.48 33.61 -7.01
CA SER B 113 5.05 34.80 -6.29
C SER B 113 5.78 35.02 -4.96
N THR B 114 5.87 33.97 -4.14
CA THR B 114 6.48 34.02 -2.81
C THR B 114 7.96 33.88 -2.75
N TYR B 115 8.52 32.97 -3.52
CA TYR B 115 9.96 32.67 -3.43
C TYR B 115 10.77 33.17 -4.64
N GLY B 116 10.09 33.55 -5.71
CA GLY B 116 10.77 34.07 -6.88
C GLY B 116 11.39 32.99 -7.72
N THR B 117 12.27 33.38 -8.63
CA THR B 117 12.63 32.52 -9.76
C THR B 117 14.09 32.10 -9.80
N ASP B 118 14.84 32.30 -8.71
CA ASP B 118 16.25 32.08 -8.85
C ASP B 118 16.56 30.64 -9.15
N ARG B 119 15.74 29.70 -8.63
CA ARG B 119 16.00 28.27 -8.86
C ARG B 119 15.20 27.76 -10.07
N ILE B 120 14.37 28.61 -10.66
CA ILE B 120 13.43 28.19 -11.67
C ILE B 120 13.69 28.79 -13.05
N GLU B 121 13.78 27.91 -14.04
CA GLU B 121 14.00 28.33 -15.44
C GLU B 121 12.67 28.47 -16.17
N LYS B 122 11.76 27.50 -15.94
CA LYS B 122 10.50 27.45 -16.70
C LYS B 122 9.40 26.88 -15.83
N VAL B 123 8.16 27.15 -16.20
CA VAL B 123 7.00 26.57 -15.55
C VAL B 123 5.98 26.08 -16.54
N VAL B 124 5.21 25.07 -16.11
CA VAL B 124 4.15 24.46 -16.91
C VAL B 124 2.91 24.33 -16.05
N PHE B 125 1.80 24.85 -16.55
CA PHE B 125 0.47 24.67 -15.92
C PHE B 125 -0.28 23.62 -16.72
N ALA B 126 -0.44 22.39 -16.18
CA ALA B 126 -1.11 21.32 -16.85
C ALA B 126 -2.47 21.00 -16.28
N GLY B 127 -3.52 21.28 -17.04
CA GLY B 127 -4.88 21.01 -16.54
C GLY B 127 -5.04 21.70 -15.19
N ALA B 128 -4.46 22.90 -15.03
CA ALA B 128 -4.22 23.48 -13.74
C ALA B 128 -5.32 24.43 -13.26
N VAL B 129 -5.45 24.54 -11.94
CA VAL B 129 -6.54 25.35 -11.36
C VAL B 129 -6.42 26.89 -11.44
N PRO B 130 -5.20 27.48 -11.54
CA PRO B 130 -5.22 28.94 -11.70
C PRO B 130 -6.02 29.41 -12.96
N PRO B 131 -6.42 30.70 -12.98
CA PRO B 131 -6.05 31.74 -12.00
C PRO B 131 -6.83 31.75 -10.72
N TYR B 132 -8.06 31.22 -10.76
CA TYR B 132 -8.98 31.27 -9.65
C TYR B 132 -10.22 30.48 -9.97
N LEU B 133 -10.31 29.30 -9.36
CA LEU B 133 -11.23 28.28 -9.86
C LEU B 133 -12.65 28.52 -9.40
N TYR B 134 -12.81 29.27 -8.32
CA TYR B 134 -14.11 29.54 -7.76
C TYR B 134 -14.96 30.36 -8.72
N LYS B 135 -16.20 29.93 -8.90
CA LYS B 135 -17.10 30.62 -9.78
C LYS B 135 -18.20 31.23 -8.92
N SER B 136 -18.43 32.51 -9.07
CA SER B 136 -19.41 33.21 -8.26
C SER B 136 -19.98 34.36 -9.06
N GLU B 137 -20.86 35.08 -8.40
CA GLU B 137 -21.49 36.23 -9.03
CA GLU B 137 -21.49 36.24 -9.00
C GLU B 137 -20.45 37.25 -9.49
N ASP B 138 -19.64 37.68 -8.53
CA ASP B 138 -18.59 38.65 -8.75
C ASP B 138 -17.49 38.04 -9.62
N HIS B 139 -17.28 36.72 -9.55
CA HIS B 139 -16.21 36.11 -10.33
C HIS B 139 -16.75 35.02 -11.23
N PRO B 140 -17.44 35.41 -12.31
CA PRO B 140 -18.07 34.47 -13.21
C PRO B 140 -17.07 33.67 -14.03
N GLU B 141 -15.82 34.13 -14.09
CA GLU B 141 -14.82 33.47 -14.95
C GLU B 141 -14.24 32.22 -14.33
N GLY B 142 -14.65 31.88 -13.11
CA GLY B 142 -14.28 30.61 -12.49
C GLY B 142 -15.01 29.41 -13.08
N ALA B 143 -14.68 28.24 -12.55
CA ALA B 143 -15.23 26.97 -13.00
C ALA B 143 -16.19 26.35 -11.99
N LEU B 144 -15.83 26.43 -10.70
CA LEU B 144 -16.52 25.64 -9.70
C LEU B 144 -17.35 26.55 -8.82
N ASP B 145 -18.66 26.36 -8.86
CA ASP B 145 -19.57 27.15 -8.05
C ASP B 145 -19.79 26.58 -6.66
N ASP B 146 -20.50 27.31 -5.81
CA ASP B 146 -20.62 26.88 -4.43
C ASP B 146 -21.32 25.53 -4.30
N ALA B 147 -22.34 25.25 -5.13
CA ALA B 147 -23.09 24.03 -5.03
C ALA B 147 -22.20 22.82 -5.36
N THR B 148 -21.34 23.00 -6.36
CA THR B 148 -20.40 21.96 -6.79
C THR B 148 -19.34 21.75 -5.69
N ILE B 149 -18.81 22.85 -5.17
CA ILE B 149 -17.81 22.73 -4.11
C ILE B 149 -18.43 21.98 -2.91
N GLU B 150 -19.67 22.31 -2.54
CA GLU B 150 -20.25 21.64 -1.37
C GLU B 150 -20.56 20.17 -1.60
N THR B 151 -20.88 19.79 -2.84
CA THR B 151 -21.03 18.40 -3.20
C THR B 151 -19.72 17.60 -2.93
N PHE B 152 -18.59 18.20 -3.26
CA PHE B 152 -17.28 17.56 -3.02
C PHE B 152 -17.06 17.40 -1.54
N LYS B 153 -17.30 18.46 -0.78
CA LYS B 153 -17.07 18.39 0.66
C LYS B 153 -17.95 17.35 1.35
N SER B 154 -19.25 17.38 1.08
CA SER B 154 -20.16 16.47 1.77
C SER B 154 -19.90 15.03 1.29
N GLY B 155 -19.61 14.84 0.03
CA GLY B 155 -19.18 13.51 -0.46
C GLY B 155 -17.97 12.95 0.27
N VAL B 156 -16.95 13.77 0.43
CA VAL B 156 -15.75 13.33 1.19
C VAL B 156 -16.03 13.07 2.70
N ILE B 157 -16.87 13.90 3.32
CA ILE B 157 -17.20 13.73 4.72
C ILE B 157 -18.06 12.49 4.92
N ASN B 158 -18.94 12.21 3.99
CA ASN B 158 -19.98 11.24 4.27
C ASN B 158 -19.68 9.84 3.74
N ASP B 159 -19.13 9.75 2.53
CA ASP B 159 -18.61 8.47 1.99
C ASP B 159 -17.54 8.80 0.98
N ARG B 160 -16.36 9.01 1.52
CA ARG B 160 -15.22 9.42 0.74
C ARG B 160 -14.86 8.38 -0.32
N LEU B 161 -14.97 7.11 0.06
CA LEU B 161 -14.55 5.99 -0.87
C LEU B 161 -15.46 5.92 -2.07
N ALA B 162 -16.77 6.11 -1.85
CA ALA B 162 -17.72 6.09 -2.95
C ALA B 162 -17.57 7.35 -3.82
N PHE B 163 -17.40 8.50 -3.17
CA PHE B 163 -17.17 9.76 -3.86
C PHE B 163 -15.97 9.64 -4.79
N LEU B 164 -14.88 9.06 -4.29
CA LEU B 164 -13.66 8.87 -5.08
C LEU B 164 -13.89 7.96 -6.28
N ASP B 165 -14.63 6.89 -6.06
CA ASP B 165 -14.92 5.96 -7.18
C ASP B 165 -15.56 6.76 -8.31
N GLU B 166 -16.51 7.61 -7.97
CA GLU B 166 -17.22 8.36 -9.02
C GLU B 166 -16.33 9.44 -9.64
N PHE B 167 -15.53 10.07 -8.80
CA PHE B 167 -14.63 11.14 -9.23
C PHE B 167 -13.65 10.60 -10.25
N THR B 168 -13.11 9.41 -9.95
CA THR B 168 -12.15 8.81 -10.88
C THR B 168 -12.74 8.40 -12.22
N LYS B 169 -14.03 8.10 -12.29
CA LYS B 169 -14.65 7.86 -13.56
C LYS B 169 -14.64 9.13 -14.42
N GLY B 170 -15.00 10.27 -13.86
CA GLY B 170 -15.04 11.51 -14.63
C GLY B 170 -13.66 12.07 -15.02
N PHE B 171 -12.67 11.83 -14.15
CA PHE B 171 -11.33 12.33 -14.28
C PHE B 171 -10.76 12.01 -15.65
N PHE B 172 -11.05 10.82 -16.18
CA PHE B 172 -10.35 10.38 -17.39
C PHE B 172 -11.30 10.35 -18.59
N ALA B 173 -12.50 10.87 -18.40
CA ALA B 173 -13.54 10.86 -19.47
C ALA B 173 -13.54 12.20 -20.23
N ALA B 174 -13.60 12.15 -21.57
CA ALA B 174 -13.72 13.37 -22.40
C ALA B 174 -15.12 13.35 -22.98
N GLY B 175 -16.03 14.07 -22.35
CA GLY B 175 -17.46 13.98 -22.72
C GLY B 175 -17.90 12.52 -22.82
N ASP B 176 -18.34 12.10 -24.01
CA ASP B 176 -18.84 10.74 -24.29
C ASP B 176 -17.77 9.67 -24.47
N ARG B 177 -16.48 10.05 -24.38
CA ARG B 177 -15.41 9.10 -24.54
C ARG B 177 -15.03 8.72 -23.11
N THR B 178 -15.53 7.57 -22.69
CA THR B 178 -15.32 7.05 -21.34
C THR B 178 -14.55 5.76 -21.41
N ASP B 179 -13.86 5.55 -22.52
CA ASP B 179 -13.02 4.40 -22.76
C ASP B 179 -11.59 4.83 -22.89
N LEU B 180 -11.19 5.97 -22.33
CA LEU B 180 -9.86 6.46 -22.65
C LEU B 180 -8.80 5.76 -21.80
N VAL B 181 -9.22 5.18 -20.68
CA VAL B 181 -8.34 4.39 -19.79
C VAL B 181 -9.06 3.09 -19.49
N SER B 182 -8.28 2.06 -19.12
CA SER B 182 -8.87 0.80 -18.67
C SER B 182 -9.44 0.90 -17.28
N GLU B 183 -10.36 -0.02 -16.93
CA GLU B 183 -10.93 -0.03 -15.54
C GLU B 183 -9.78 -0.27 -14.56
N SER B 184 -8.84 -1.10 -14.97
CA SER B 184 -7.67 -1.40 -14.13
C SER B 184 -6.92 -0.17 -13.76
N PHE B 185 -6.65 0.70 -14.74
CA PHE B 185 -5.95 1.92 -14.49
C PHE B 185 -6.76 2.84 -13.61
N ARG B 186 -8.06 2.91 -13.86
CA ARG B 186 -8.94 3.77 -13.04
C ARG B 186 -8.95 3.32 -11.60
N LEU B 187 -9.07 2.02 -11.43
CA LEU B 187 -9.12 1.43 -10.07
C LEU B 187 -7.81 1.58 -9.34
N TYR B 188 -6.70 1.52 -10.08
CA TYR B 188 -5.39 1.83 -9.53
C TYR B 188 -5.31 3.24 -8.95
N ASN B 189 -5.85 4.20 -9.67
CA ASN B 189 -5.91 5.55 -9.23
C ASN B 189 -6.88 5.77 -8.06
N TRP B 190 -8.03 5.13 -8.11
CA TRP B 190 -8.94 5.09 -6.94
C TRP B 190 -8.27 4.64 -5.64
N ASP B 191 -7.49 3.59 -5.76
CA ASP B 191 -6.77 3.06 -4.58
C ASP B 191 -5.73 4.03 -4.08
N ILE B 192 -4.97 4.68 -4.99
CA ILE B 192 -4.03 5.72 -4.57
C ILE B 192 -4.76 6.79 -3.74
N ALA B 193 -5.91 7.21 -4.20
CA ALA B 193 -6.69 8.20 -3.46
C ALA B 193 -7.24 7.66 -2.16
N ALA B 194 -7.63 6.39 -2.16
CA ALA B 194 -8.31 5.83 -0.98
C ALA B 194 -7.40 5.86 0.26
N GLY B 195 -6.12 5.72 0.05
CA GLY B 195 -5.18 5.74 1.17
C GLY B 195 -4.73 7.08 1.67
N ALA B 196 -5.19 8.18 1.03
CA ALA B 196 -4.78 9.52 1.45
C ALA B 196 -5.44 9.93 2.74
N SER B 197 -4.90 10.97 3.35
CA SER B 197 -5.49 11.50 4.59
C SER B 197 -6.93 11.95 4.32
N PRO B 198 -7.90 11.49 5.11
CA PRO B 198 -9.27 11.97 4.90
C PRO B 198 -9.37 13.47 5.15
N LYS B 199 -8.57 13.97 6.12
CA LYS B 199 -8.60 15.38 6.49
C LYS B 199 -7.95 16.25 5.38
N GLY B 200 -6.82 15.80 4.82
CA GLY B 200 -6.15 16.48 3.76
C GLY B 200 -7.01 16.48 2.53
N THR B 201 -7.69 15.35 2.32
CA THR B 201 -8.54 15.21 1.16
C THR B 201 -9.65 16.25 1.18
N LEU B 202 -10.26 16.36 2.34
CA LEU B 202 -11.30 17.38 2.53
C LEU B 202 -10.75 18.82 2.38
N ASP B 203 -9.71 19.16 3.13
CA ASP B 203 -9.24 20.55 3.16
C ASP B 203 -8.72 20.99 1.80
N CYS B 204 -8.18 20.08 1.01
CA CYS B 204 -7.72 20.44 -0.32
C CYS B 204 -8.82 21.03 -1.15
N ILE B 205 -10.05 20.54 -0.97
CA ILE B 205 -11.17 21.09 -1.76
C ILE B 205 -11.26 22.62 -1.60
N THR B 206 -11.17 23.13 -0.36
CA THR B 206 -11.23 24.54 -0.15
C THR B 206 -9.97 25.22 -0.70
N ALA B 207 -8.81 24.59 -0.50
CA ALA B 207 -7.55 25.16 -1.00
C ALA B 207 -7.61 25.29 -2.54
N PHE B 208 -7.96 24.23 -3.27
CA PHE B 208 -7.87 24.33 -4.74
C PHE B 208 -9.01 25.17 -5.37
N SER B 209 -10.16 25.19 -4.72
CA SER B 209 -11.33 25.83 -5.31
C SER B 209 -11.36 27.34 -4.98
N LYS B 210 -10.97 27.71 -3.77
CA LYS B 210 -11.09 29.08 -3.31
C LYS B 210 -9.84 29.90 -3.17
N THR B 211 -8.68 29.40 -3.56
CA THR B 211 -7.49 30.18 -3.47
C THR B 211 -7.40 31.02 -4.75
N ASP B 212 -7.17 32.31 -4.59
CA ASP B 212 -7.11 33.24 -5.76
C ASP B 212 -5.63 33.47 -6.14
N PHE B 213 -5.22 33.04 -7.33
CA PHE B 213 -3.82 33.12 -7.70
C PHE B 213 -3.59 34.27 -8.69
N ARG B 214 -4.63 35.07 -8.92
CA ARG B 214 -4.55 36.12 -9.96
C ARG B 214 -3.39 37.12 -9.72
N LYS B 215 -3.17 37.56 -8.48
CA LYS B 215 -2.02 38.46 -8.22
C LYS B 215 -0.68 37.71 -8.32
N ASP B 216 -0.70 36.41 -8.06
CA ASP B 216 0.53 35.59 -8.18
C ASP B 216 0.95 35.55 -9.64
N LEU B 217 0.00 35.47 -10.54
CA LEU B 217 0.37 35.28 -11.96
C LEU B 217 0.98 36.57 -12.51
N GLU B 218 0.73 37.70 -11.85
CA GLU B 218 1.36 38.99 -12.26
C GLU B 218 2.87 39.00 -12.09
N LYS B 219 3.43 38.08 -11.29
CA LYS B 219 4.88 38.01 -11.02
C LYS B 219 5.68 37.14 -12.00
N PHE B 220 4.96 36.54 -12.97
CA PHE B 220 5.54 35.57 -13.86
C PHE B 220 6.20 36.26 -15.01
N ASN B 221 7.52 36.21 -15.03
CA ASN B 221 8.30 36.75 -16.10
CA ASN B 221 8.31 36.75 -16.10
C ASN B 221 9.32 35.69 -16.43
N ILE B 222 8.84 34.48 -16.70
CA ILE B 222 9.70 33.40 -17.19
CA ILE B 222 9.66 33.33 -17.10
C ILE B 222 8.93 32.56 -18.17
N PRO B 223 9.66 31.76 -18.95
CA PRO B 223 8.92 30.99 -19.95
C PRO B 223 7.88 30.08 -19.29
N THR B 224 6.71 29.99 -19.90
CA THR B 224 5.52 29.40 -19.32
C THR B 224 4.72 28.67 -20.39
N LEU B 225 4.39 27.40 -20.10
CA LEU B 225 3.57 26.61 -20.97
C LEU B 225 2.29 26.24 -20.25
N ILE B 226 1.18 26.40 -20.95
CA ILE B 226 -0.07 25.87 -20.47
C ILE B 226 -0.34 24.65 -21.33
N ILE B 227 -0.50 23.47 -20.69
CA ILE B 227 -1.00 22.28 -21.34
C ILE B 227 -2.36 21.96 -20.80
N HIS B 228 -3.37 21.78 -21.64
CA HIS B 228 -4.73 21.61 -21.15
C HIS B 228 -5.58 20.85 -22.15
N GLY B 229 -6.55 20.11 -21.63
CA GLY B 229 -7.46 19.41 -22.55
C GLY B 229 -8.60 20.33 -22.94
N ASP B 230 -9.16 20.13 -24.13
CA ASP B 230 -10.33 20.87 -24.52
C ASP B 230 -11.63 20.25 -24.00
N SER B 231 -11.50 19.16 -23.23
CA SER B 231 -12.66 18.43 -22.70
C SER B 231 -12.46 18.02 -21.22
N ASP B 232 -11.99 18.98 -20.41
CA ASP B 232 -11.65 18.75 -19.02
C ASP B 232 -12.90 19.12 -18.22
N ALA B 233 -13.57 18.12 -17.66
CA ALA B 233 -14.83 18.33 -16.96
C ALA B 233 -14.62 19.01 -15.62
N THR B 234 -13.49 18.77 -14.98
CA THR B 234 -13.26 19.27 -13.61
C THR B 234 -12.73 20.68 -13.68
N VAL B 235 -11.80 20.90 -14.61
CA VAL B 235 -11.13 22.22 -14.72
C VAL B 235 -11.14 22.65 -16.19
N PRO B 236 -12.30 23.15 -16.63
CA PRO B 236 -12.47 23.54 -18.03
C PRO B 236 -11.45 24.57 -18.50
N PHE B 237 -10.86 24.33 -19.65
CA PHE B 237 -9.85 25.25 -20.20
C PHE B 237 -10.24 26.72 -20.16
N GLU B 238 -11.49 27.01 -20.49
CA GLU B 238 -12.01 28.36 -20.68
CA GLU B 238 -11.92 28.39 -20.70
C GLU B 238 -11.95 29.18 -19.41
N TYR B 239 -11.99 28.46 -18.28
CA TYR B 239 -12.05 29.07 -16.94
C TYR B 239 -10.78 28.90 -16.16
N SER B 240 -9.73 28.47 -16.84
CA SER B 240 -8.47 28.16 -16.17
C SER B 240 -7.28 28.41 -17.11
N GLY B 241 -6.82 27.37 -17.80
CA GLY B 241 -5.63 27.48 -18.64
C GLY B 241 -5.67 28.63 -19.64
N LYS B 242 -6.84 28.85 -20.24
CA LYS B 242 -7.02 29.98 -21.14
C LYS B 242 -6.63 31.30 -20.46
N LEU B 243 -7.17 31.47 -19.25
CA LEU B 243 -6.97 32.71 -18.48
C LEU B 243 -5.54 32.82 -17.93
N THR B 244 -4.96 31.69 -17.61
CA THR B 244 -3.58 31.70 -17.11
C THR B 244 -2.67 32.16 -18.26
N HIS B 245 -2.93 31.64 -19.45
CA HIS B 245 -2.21 32.08 -20.64
C HIS B 245 -2.35 33.59 -20.88
N GLU B 246 -3.55 34.10 -20.71
CA GLU B 246 -3.83 35.50 -20.98
C GLU B 246 -3.10 36.36 -19.94
N ALA B 247 -2.89 35.80 -18.76
CA ALA B 247 -2.26 36.52 -17.66
C ALA B 247 -0.79 36.66 -17.85
N ILE B 248 -0.18 35.72 -18.55
CA ILE B 248 1.27 35.61 -18.58
C ILE B 248 1.92 35.91 -19.95
N PRO B 249 2.65 37.03 -20.06
CA PRO B 249 3.22 37.37 -21.34
C PRO B 249 4.22 36.37 -21.82
N ASN B 250 4.23 36.14 -23.11
CA ASN B 250 5.19 35.24 -23.75
C ASN B 250 4.84 33.74 -23.47
N SER B 251 3.80 33.48 -22.68
CA SER B 251 3.36 32.12 -22.37
C SER B 251 2.83 31.39 -23.64
N LYS B 252 3.11 30.10 -23.71
CA LYS B 252 2.64 29.23 -24.78
C LYS B 252 1.44 28.33 -24.34
N VAL B 253 0.56 28.00 -25.28
CA VAL B 253 -0.54 27.07 -25.06
C VAL B 253 -0.46 25.80 -25.95
N ALA B 254 -0.70 24.64 -25.34
CA ALA B 254 -0.89 23.36 -26.05
C ALA B 254 -2.25 22.84 -25.57
N LEU B 255 -3.27 23.04 -26.41
CA LEU B 255 -4.64 22.65 -26.13
C LEU B 255 -4.83 21.33 -26.87
N ILE B 256 -5.09 20.27 -26.12
CA ILE B 256 -5.06 18.92 -26.64
C ILE B 256 -6.47 18.52 -26.95
N LYS B 257 -6.69 18.16 -28.21
CA LYS B 257 -8.04 17.83 -28.67
C LYS B 257 -8.52 16.52 -28.15
N GLY B 258 -9.70 16.54 -27.56
CA GLY B 258 -10.24 15.38 -26.91
C GLY B 258 -9.66 15.10 -25.52
N GLY B 259 -8.81 15.98 -25.00
CA GLY B 259 -8.17 15.76 -23.71
C GLY B 259 -9.14 15.98 -22.54
N PRO B 260 -9.25 14.98 -21.65
CA PRO B 260 -9.98 15.11 -20.39
C PRO B 260 -9.09 15.73 -19.34
N HIS B 261 -9.52 15.74 -18.09
CA HIS B 261 -8.68 16.22 -17.01
C HIS B 261 -7.34 15.44 -16.92
N GLY B 262 -7.42 14.10 -16.90
CA GLY B 262 -6.24 13.28 -16.77
C GLY B 262 -5.55 13.01 -18.08
N LEU B 263 -5.26 14.07 -18.86
CA LEU B 263 -4.79 13.90 -20.24
C LEU B 263 -3.33 13.48 -20.29
N ASN B 264 -2.62 13.68 -19.18
CA ASN B 264 -1.26 13.16 -19.16
C ASN B 264 -1.22 11.65 -19.30
N ALA B 265 -2.31 10.98 -18.90
CA ALA B 265 -2.44 9.50 -19.10
C ALA B 265 -3.17 9.16 -20.37
N THR B 266 -4.25 9.84 -20.69
CA THR B 266 -5.02 9.44 -21.86
C THR B 266 -4.38 9.89 -23.15
N HIS B 267 -3.66 11.00 -23.08
CA HIS B 267 -3.03 11.60 -24.24
C HIS B 267 -1.56 11.83 -23.92
N ALA B 268 -0.89 10.79 -23.43
CA ALA B 268 0.53 10.92 -23.01
C ALA B 268 1.37 11.44 -24.16
N LYS B 269 1.08 10.90 -25.35
CA LYS B 269 1.89 11.16 -26.49
C LYS B 269 1.92 12.69 -26.82
N GLU B 270 0.76 13.31 -26.85
CA GLU B 270 0.66 14.75 -27.08
C GLU B 270 1.14 15.60 -25.89
N PHE B 271 0.82 15.16 -24.69
CA PHE B 271 1.24 15.87 -23.50
C PHE B 271 2.73 15.90 -23.45
N ASN B 272 3.33 14.75 -23.72
CA ASN B 272 4.79 14.64 -23.72
C ASN B 272 5.45 15.42 -24.85
N GLU B 273 4.88 15.39 -26.06
CA GLU B 273 5.41 16.19 -27.19
C GLU B 273 5.47 17.69 -26.84
N ALA B 274 4.36 18.24 -26.35
CA ALA B 274 4.31 19.63 -25.91
C ALA B 274 5.34 19.97 -24.87
N LEU B 275 5.44 19.13 -23.85
CA LEU B 275 6.38 19.32 -22.77
C LEU B 275 7.83 19.34 -23.28
N LEU B 276 8.22 18.36 -24.10
CA LEU B 276 9.61 18.25 -24.50
C LEU B 276 10.00 19.41 -25.42
N LEU B 277 9.07 19.80 -26.29
CA LEU B 277 9.33 20.94 -27.20
C LEU B 277 9.60 22.21 -26.40
N PHE B 278 8.77 22.44 -25.39
CA PHE B 278 8.94 23.58 -24.49
C PHE B 278 10.18 23.47 -23.61
N LEU B 279 10.54 22.28 -23.16
CA LEU B 279 11.73 22.16 -22.32
C LEU B 279 13.03 22.50 -23.06
N LYS B 280 13.13 22.15 -24.32
CA LYS B 280 14.42 22.39 -24.96
C LYS B 280 14.55 23.80 -25.60
N ASP B 281 13.48 24.58 -25.55
CA ASP B 281 13.50 25.90 -26.14
C ASP B 281 14.00 26.94 -25.10
N ALA C 5 14.08 -3.47 9.58
CA ALA C 5 13.62 -4.55 8.60
C ALA C 5 13.67 -4.12 7.15
N LYS C 6 14.64 -3.20 6.96
CA LYS C 6 15.21 -2.91 5.66
C LYS C 6 16.74 -3.03 5.64
N ILE C 7 17.27 -3.61 4.58
CA ILE C 7 18.70 -3.75 4.38
C ILE C 7 19.08 -2.64 3.41
N THR C 8 20.13 -1.84 3.67
CA THR C 8 20.62 -0.87 2.70
C THR C 8 21.61 -1.61 1.78
N VAL C 9 21.36 -1.55 0.49
CA VAL C 9 22.13 -2.34 -0.49
C VAL C 9 22.99 -1.49 -1.42
N GLY C 10 22.86 -0.19 -1.31
CA GLY C 10 23.60 0.78 -2.13
C GLY C 10 22.94 2.14 -2.00
N THR C 11 23.37 3.06 -2.83
CA THR C 11 22.77 4.37 -2.94
C THR C 11 22.55 4.72 -4.43
N GLU C 12 21.63 5.64 -4.70
CA GLU C 12 21.47 6.21 -6.02
C GLU C 12 21.31 7.68 -5.78
N ASN C 13 22.22 8.47 -6.38
CA ASN C 13 22.32 9.89 -6.10
CA ASN C 13 22.36 9.88 -6.08
C ASN C 13 22.41 10.17 -4.59
N GLN C 14 23.20 9.38 -3.89
CA GLN C 14 23.38 9.47 -2.44
C GLN C 14 22.19 9.10 -1.58
N ALA C 15 21.05 8.74 -2.17
CA ALA C 15 19.88 8.19 -1.41
C ALA C 15 19.98 6.69 -1.23
N PRO C 16 19.76 6.18 0.00
CA PRO C 16 19.93 4.72 0.21
C PRO C 16 18.87 3.92 -0.55
N ILE C 17 19.28 2.81 -1.18
CA ILE C 17 18.36 1.86 -1.77
C ILE C 17 18.13 0.83 -0.68
N GLU C 18 16.88 0.64 -0.27
CA GLU C 18 16.59 -0.21 0.90
C GLU C 18 15.76 -1.38 0.45
N ILE C 19 16.10 -2.56 0.94
CA ILE C 19 15.34 -3.78 0.62
C ILE C 19 14.49 -4.18 1.82
N TYR C 20 13.19 -4.29 1.59
CA TYR C 20 12.26 -4.79 2.58
C TYR C 20 12.39 -6.30 2.71
N TYR C 21 12.46 -6.80 3.95
CA TYR C 21 12.46 -8.25 4.16
C TYR C 21 11.72 -8.62 5.42
N GLU C 22 11.39 -9.91 5.52
CA GLU C 22 10.76 -10.52 6.66
C GLU C 22 11.56 -11.75 7.02
N ASP C 23 11.64 -11.97 8.31
CA ASP C 23 12.53 -12.98 8.85
C ASP C 23 11.75 -13.68 9.99
N HIS C 24 11.28 -14.88 9.71
CA HIS C 24 10.32 -15.56 10.57
C HIS C 24 10.75 -16.92 11.03
N GLY C 25 10.63 -17.15 12.32
CA GLY C 25 10.87 -18.46 12.87
C GLY C 25 12.32 -18.75 13.22
N THR C 26 12.56 -19.99 13.65
CA THR C 26 13.89 -20.45 14.05
C THR C 26 14.25 -21.66 13.22
N GLY C 27 15.54 -21.85 12.95
CA GLY C 27 16.00 -23.01 12.16
C GLY C 27 16.98 -22.64 11.11
N LYS C 28 17.39 -23.61 10.28
CA LYS C 28 18.24 -23.28 9.16
C LYS C 28 17.51 -22.33 8.22
N PRO C 29 18.23 -21.39 7.57
CA PRO C 29 17.56 -20.38 6.76
C PRO C 29 17.11 -20.87 5.40
N VAL C 30 15.85 -20.55 5.06
CA VAL C 30 15.35 -20.75 3.74
C VAL C 30 15.01 -19.35 3.19
N VAL C 31 15.66 -18.94 2.15
CA VAL C 31 15.45 -17.62 1.57
C VAL C 31 14.64 -17.75 0.30
N LEU C 32 13.45 -17.16 0.34
CA LEU C 32 12.51 -17.26 -0.72
C LEU C 32 12.58 -16.01 -1.61
N ILE C 33 12.75 -16.22 -2.92
CA ILE C 33 13.02 -15.12 -3.86
C ILE C 33 11.91 -15.08 -4.90
N HIS C 34 11.09 -14.05 -4.85
CA HIS C 34 9.83 -14.01 -5.63
C HIS C 34 10.03 -13.76 -7.12
N GLY C 35 8.96 -13.97 -7.90
CA GLY C 35 9.02 -13.72 -9.36
C GLY C 35 8.47 -12.34 -9.72
N TRP C 36 8.52 -12.04 -11.00
CA TRP C 36 8.00 -10.80 -11.49
C TRP C 36 6.49 -10.83 -11.69
N PRO C 37 5.82 -9.70 -11.41
CA PRO C 37 6.29 -8.46 -10.77
C PRO C 37 5.67 -8.35 -9.41
N LEU C 38 5.93 -9.37 -8.57
CA LEU C 38 5.18 -9.59 -7.32
C LEU C 38 6.02 -9.13 -6.16
N SER C 39 6.04 -9.86 -5.07
CA SER C 39 6.77 -9.44 -3.91
C SER C 39 6.87 -10.64 -3.01
N GLY C 40 7.53 -10.47 -1.87
CA GLY C 40 7.60 -11.51 -0.84
C GLY C 40 6.27 -12.04 -0.37
N ARG C 41 5.20 -11.28 -0.54
CA ARG C 41 3.87 -11.70 -0.11
C ARG C 41 3.30 -12.82 -0.96
N SER C 42 3.93 -13.08 -2.11
CA SER C 42 3.54 -14.20 -2.93
CA SER C 42 3.71 -14.25 -2.96
C SER C 42 3.87 -15.57 -2.30
N TRP C 43 4.66 -15.61 -1.24
CA TRP C 43 5.00 -16.83 -0.57
C TRP C 43 4.07 -17.19 0.57
N GLU C 44 2.89 -16.59 0.62
CA GLU C 44 1.91 -16.89 1.70
C GLU C 44 1.71 -18.35 2.09
N TYR C 45 1.60 -19.20 1.08
CA TYR C 45 1.32 -20.62 1.30
C TYR C 45 2.54 -21.44 1.69
N GLN C 46 3.75 -20.89 1.57
CA GLN C 46 4.96 -21.61 1.95
C GLN C 46 5.48 -21.32 3.33
N VAL C 47 5.32 -20.10 3.77
CA VAL C 47 5.97 -19.67 4.99
C VAL C 47 5.54 -20.54 6.23
N PRO C 48 4.24 -20.69 6.49
CA PRO C 48 3.86 -21.48 7.69
C PRO C 48 4.27 -22.97 7.61
N ALA C 49 4.18 -23.60 6.44
CA ALA C 49 4.63 -25.00 6.29
C ALA C 49 6.13 -25.13 6.65
N LEU C 50 6.91 -24.15 6.18
CA LEU C 50 8.36 -24.18 6.40
C LEU C 50 8.70 -23.91 7.84
N VAL C 51 8.02 -22.98 8.48
CA VAL C 51 8.35 -22.62 9.86
C VAL C 51 7.95 -23.82 10.72
N GLU C 52 6.77 -24.36 10.48
CA GLU C 52 6.32 -25.53 11.23
C GLU C 52 7.26 -26.71 11.04
N ALA C 53 7.86 -26.89 9.86
CA ALA C 53 8.84 -27.94 9.63
C ALA C 53 10.24 -27.65 10.16
N GLY C 54 10.35 -26.56 10.91
CA GLY C 54 11.57 -26.25 11.64
C GLY C 54 12.59 -25.41 10.96
N TYR C 55 12.19 -24.63 9.95
CA TYR C 55 13.08 -23.67 9.27
C TYR C 55 12.81 -22.26 9.62
N ARG C 56 13.81 -21.40 9.39
CA ARG C 56 13.71 -19.97 9.56
C ARG C 56 13.51 -19.45 8.14
N VAL C 57 12.44 -18.71 7.93
CA VAL C 57 12.04 -18.31 6.56
C VAL C 57 12.29 -16.81 6.37
N ILE C 58 13.08 -16.49 5.36
CA ILE C 58 13.33 -15.08 5.02
C ILE C 58 12.75 -14.83 3.65
N THR C 59 11.88 -13.85 3.52
CA THR C 59 11.49 -13.36 2.19
C THR C 59 12.01 -11.96 2.04
N TYR C 60 12.19 -11.52 0.81
CA TYR C 60 12.47 -10.11 0.58
C TYR C 60 11.87 -9.66 -0.69
N ASP C 61 11.78 -8.35 -0.83
CA ASP C 61 11.17 -7.77 -1.99
C ASP C 61 12.28 -7.24 -2.88
N ARG C 62 12.35 -7.74 -4.09
CA ARG C 62 13.38 -7.33 -5.05
C ARG C 62 13.31 -5.80 -5.21
N ARG C 63 14.46 -5.16 -5.44
CA ARG C 63 14.45 -3.72 -5.67
C ARG C 63 13.43 -3.40 -6.75
N GLY C 64 12.63 -2.37 -6.49
CA GLY C 64 11.56 -1.95 -7.42
C GLY C 64 10.19 -2.53 -7.13
N PHE C 65 10.12 -3.51 -6.23
CA PHE C 65 8.91 -4.30 -5.98
C PHE C 65 8.52 -4.29 -4.52
N GLY C 66 7.25 -4.57 -4.25
CA GLY C 66 6.79 -4.67 -2.89
C GLY C 66 7.02 -3.40 -2.11
N LYS C 67 7.68 -3.54 -0.95
CA LYS C 67 7.91 -2.43 -0.05
C LYS C 67 9.33 -1.96 -0.15
N SER C 68 10.11 -2.46 -1.12
CA SER C 68 11.49 -2.02 -1.27
C SER C 68 11.59 -0.65 -1.97
N SER C 69 12.78 -0.04 -1.92
CA SER C 69 12.99 1.16 -2.73
C SER C 69 12.67 0.94 -4.20
N GLN C 70 12.44 2.04 -4.91
CA GLN C 70 12.20 2.06 -6.34
C GLN C 70 13.21 2.95 -7.02
N PRO C 71 14.46 2.45 -7.19
CA PRO C 71 15.50 3.19 -7.92
C PRO C 71 15.25 3.22 -9.43
N TRP C 72 16.03 4.04 -10.11
CA TRP C 72 15.90 4.11 -11.56
C TRP C 72 16.72 3.03 -12.24
N GLU C 73 17.87 2.72 -11.64
CA GLU C 73 18.73 1.69 -12.22
C GLU C 73 19.02 0.52 -11.34
N GLY C 74 19.83 -0.40 -11.89
CA GLY C 74 20.17 -1.57 -11.17
C GLY C 74 19.30 -2.79 -11.45
N TYR C 75 18.47 -2.75 -12.49
CA TYR C 75 17.53 -3.82 -12.78
C TYR C 75 18.17 -4.82 -13.75
N GLU C 76 19.24 -5.44 -13.29
CA GLU C 76 19.93 -6.51 -13.96
C GLU C 76 20.55 -7.44 -12.91
N TYR C 77 20.94 -8.64 -13.31
CA TYR C 77 21.31 -9.67 -12.37
C TYR C 77 22.59 -9.41 -11.61
N ASP C 78 23.55 -8.67 -12.16
CA ASP C 78 24.71 -8.40 -11.32
C ASP C 78 24.30 -7.63 -10.06
N THR C 79 23.43 -6.64 -10.25
CA THR C 79 22.98 -5.82 -9.13
C THR C 79 21.97 -6.60 -8.24
N PHE C 80 21.03 -7.29 -8.86
CA PHE C 80 20.06 -8.09 -8.12
C PHE C 80 20.79 -9.07 -7.23
N THR C 81 21.86 -9.66 -7.76
CA THR C 81 22.63 -10.64 -6.99
C THR C 81 23.43 -10.03 -5.89
N SER C 82 24.01 -8.85 -6.12
CA SER C 82 24.69 -8.07 -5.08
C SER C 82 23.71 -7.72 -3.95
N ASP C 83 22.46 -7.43 -4.32
CA ASP C 83 21.44 -7.11 -3.32
C ASP C 83 21.20 -8.34 -2.43
N LEU C 84 21.12 -9.53 -3.04
CA LEU C 84 20.94 -10.78 -2.29
C LEU C 84 22.17 -11.02 -1.39
N HIS C 85 23.36 -10.81 -1.95
CA HIS C 85 24.61 -10.94 -1.17
C HIS C 85 24.56 -10.06 0.10
N GLN C 86 24.11 -8.83 -0.02
CA GLN C 86 24.07 -7.91 1.12
CA GLN C 86 24.05 -7.89 1.11
C GLN C 86 23.10 -8.40 2.19
N LEU C 87 21.93 -8.87 1.74
CA LEU C 87 21.01 -9.55 2.66
C LEU C 87 21.67 -10.72 3.42
N LEU C 88 22.31 -11.66 2.70
CA LEU C 88 22.87 -12.82 3.39
C LEU C 88 23.98 -12.43 4.32
N GLU C 89 24.77 -11.45 3.87
CA GLU C 89 25.88 -10.97 4.70
C GLU C 89 25.42 -10.22 5.93
N GLN C 90 24.45 -9.34 5.74
CA GLN C 90 23.95 -8.51 6.82
C GLN C 90 23.20 -9.31 7.86
N LEU C 91 22.48 -10.36 7.44
CA LEU C 91 21.82 -11.24 8.37
C LEU C 91 22.75 -12.37 8.84
N GLU C 92 23.95 -12.42 8.30
CA GLU C 92 24.93 -13.39 8.69
C GLU C 92 24.41 -14.83 8.58
N LEU C 93 23.84 -15.17 7.43
CA LEU C 93 23.20 -16.44 7.19
C LEU C 93 24.20 -17.48 6.75
N GLN C 94 24.05 -18.66 7.32
CA GLN C 94 24.84 -19.84 7.00
C GLN C 94 23.94 -21.05 6.76
N ASN C 95 24.45 -22.01 6.00
CA ASN C 95 23.66 -23.21 5.63
C ASN C 95 22.32 -22.83 5.07
N VAL C 96 22.38 -21.91 4.15
CA VAL C 96 21.15 -21.38 3.54
C VAL C 96 20.61 -22.26 2.44
N THR C 97 19.27 -22.32 2.31
CA THR C 97 18.65 -22.84 1.12
C THR C 97 18.08 -21.67 0.34
N LEU C 98 18.52 -21.50 -0.90
CA LEU C 98 17.99 -20.46 -1.73
C LEU C 98 16.85 -21.05 -2.57
N VAL C 99 15.70 -20.42 -2.51
CA VAL C 99 14.56 -20.88 -3.34
C VAL C 99 14.22 -19.75 -4.30
N GLY C 100 14.54 -19.94 -5.56
CA GLY C 100 14.17 -18.92 -6.60
C GLY C 100 12.96 -19.26 -7.44
N PHE C 101 11.91 -18.44 -7.34
CA PHE C 101 10.72 -18.59 -8.17
C PHE C 101 10.82 -17.73 -9.43
N SER C 102 10.61 -18.35 -10.61
CA SER C 102 10.63 -17.65 -11.89
C SER C 102 11.92 -16.81 -12.05
N MSE C 103 11.81 -15.50 -12.16
CA MSE C 103 13.06 -14.72 -12.36
C MSE C 103 13.99 -14.82 -11.12
O MSE C 103 15.19 -14.63 -11.27
CB MSE C 103 12.83 -13.29 -12.72
CG MSE C 103 12.35 -12.36 -11.57
SE MSE C 103 12.38 -10.48 -12.14
CE MSE C 103 14.33 -10.16 -11.99
N GLY C 104 13.46 -15.16 -9.95
CA GLY C 104 14.29 -15.37 -8.76
C GLY C 104 15.27 -16.50 -8.92
N GLY C 105 14.98 -17.44 -9.84
CA GLY C 105 16.00 -18.46 -10.21
C GLY C 105 17.28 -17.88 -10.80
N GLY C 106 17.17 -16.72 -11.41
CA GLY C 106 18.38 -15.99 -11.84
C GLY C 106 19.32 -15.53 -10.71
N GLU C 107 18.76 -14.91 -9.67
CA GLU C 107 19.59 -14.62 -8.49
C GLU C 107 20.28 -15.87 -7.93
N VAL C 108 19.55 -16.97 -7.87
CA VAL C 108 20.12 -18.23 -7.38
C VAL C 108 21.35 -18.63 -8.25
N ALA C 109 21.13 -18.70 -9.53
CA ALA C 109 22.16 -19.09 -10.53
C ALA C 109 23.39 -18.22 -10.39
N ARG C 110 23.16 -16.90 -10.43
CA ARG C 110 24.23 -15.97 -10.41
C ARG C 110 24.93 -15.88 -9.02
N TYR C 111 24.21 -16.13 -7.94
CA TYR C 111 24.77 -16.03 -6.59
C TYR C 111 25.87 -17.09 -6.47
N ILE C 112 25.50 -18.32 -6.79
CA ILE C 112 26.46 -19.43 -6.72
C ILE C 112 27.68 -19.17 -7.58
N SER C 113 27.43 -18.72 -8.80
CA SER C 113 28.50 -18.40 -9.76
C SER C 113 29.41 -17.28 -9.28
N THR C 114 28.85 -16.24 -8.68
CA THR C 114 29.63 -15.06 -8.35
C THR C 114 30.22 -15.13 -6.98
N TYR C 115 29.43 -15.51 -5.99
CA TYR C 115 29.85 -15.53 -4.58
C TYR C 115 30.19 -16.92 -3.99
N GLY C 116 29.97 -18.00 -4.74
CA GLY C 116 30.28 -19.36 -4.29
C GLY C 116 29.35 -19.86 -3.19
N THR C 117 29.71 -20.97 -2.59
CA THR C 117 28.78 -21.72 -1.72
C THR C 117 29.18 -21.73 -0.25
N ASP C 118 30.06 -20.85 0.18
CA ASP C 118 30.37 -20.77 1.60
C ASP C 118 29.15 -20.69 2.47
N ARG C 119 28.15 -19.91 2.08
CA ARG C 119 26.94 -19.75 2.89
C ARG C 119 25.76 -20.66 2.52
N ILE C 120 25.86 -21.40 1.42
CA ILE C 120 24.73 -22.06 0.78
C ILE C 120 24.83 -23.57 0.85
N GLU C 121 23.82 -24.20 1.47
CA GLU C 121 23.75 -25.65 1.52
C GLU C 121 22.97 -26.30 0.35
N LYS C 122 21.87 -25.66 -0.04
CA LYS C 122 20.96 -26.26 -1.03
C LYS C 122 20.30 -25.16 -1.79
N VAL C 123 19.78 -25.51 -2.97
CA VAL C 123 19.05 -24.57 -3.79
C VAL C 123 17.87 -25.24 -4.48
N VAL C 124 16.90 -24.40 -4.81
CA VAL C 124 15.66 -24.81 -5.41
C VAL C 124 15.36 -23.82 -6.51
N PHE C 125 15.08 -24.32 -7.71
CA PHE C 125 14.60 -23.58 -8.86
C PHE C 125 13.13 -23.90 -9.05
N ALA C 126 12.26 -22.94 -8.75
CA ALA C 126 10.81 -23.16 -8.72
C ALA C 126 10.12 -22.40 -9.82
N GLY C 127 9.60 -23.08 -10.86
CA GLY C 127 9.04 -22.37 -12.00
C GLY C 127 9.98 -21.35 -12.64
N ALA C 128 11.27 -21.68 -12.69
CA ALA C 128 12.30 -20.68 -12.80
C ALA C 128 12.86 -20.52 -14.17
N VAL C 129 13.35 -19.31 -14.43
CA VAL C 129 13.76 -18.92 -15.79
C VAL C 129 15.01 -19.57 -16.37
N PRO C 130 15.99 -20.00 -15.53
CA PRO C 130 17.15 -20.62 -16.19
C PRO C 130 16.75 -21.89 -16.95
N PRO C 131 17.62 -22.36 -17.86
CA PRO C 131 18.95 -21.82 -18.09
C PRO C 131 19.10 -20.54 -18.92
N TYR C 132 18.13 -20.24 -19.84
CA TYR C 132 18.23 -19.10 -20.74
C TYR C 132 16.98 -19.06 -21.61
N LEU C 133 16.04 -18.16 -21.34
CA LEU C 133 14.74 -18.20 -21.94
C LEU C 133 14.67 -17.73 -23.39
N TYR C 134 15.67 -16.97 -23.82
CA TYR C 134 15.57 -16.22 -25.08
C TYR C 134 15.60 -17.21 -26.22
N LYS C 135 14.72 -17.06 -27.18
CA LYS C 135 14.83 -17.83 -28.40
C LYS C 135 15.29 -16.89 -29.51
N SER C 136 16.35 -17.29 -30.20
CA SER C 136 16.97 -16.43 -31.22
C SER C 136 17.77 -17.26 -32.17
N GLU C 137 18.31 -16.61 -33.20
CA GLU C 137 19.17 -17.28 -34.14
C GLU C 137 20.37 -17.97 -33.49
N ASP C 138 20.97 -17.30 -32.51
CA ASP C 138 22.10 -17.89 -31.78
C ASP C 138 21.66 -18.94 -30.75
N HIS C 139 20.42 -18.85 -30.27
CA HIS C 139 19.97 -19.77 -29.24
C HIS C 139 18.60 -20.26 -29.67
N PRO C 140 18.59 -21.10 -30.67
CA PRO C 140 17.32 -21.48 -31.25
C PRO C 140 16.53 -22.39 -30.33
N GLU C 141 17.12 -22.83 -29.24
CA GLU C 141 16.48 -23.79 -28.33
C GLU C 141 15.53 -23.15 -27.36
N GLY C 142 15.61 -21.82 -27.20
CA GLY C 142 14.98 -21.18 -26.04
C GLY C 142 13.46 -21.07 -26.24
N ALA C 143 12.79 -20.43 -25.31
CA ALA C 143 11.32 -20.31 -25.30
C ALA C 143 10.77 -18.98 -25.83
N LEU C 144 11.37 -17.85 -25.48
CA LEU C 144 10.74 -16.53 -25.78
C LEU C 144 11.47 -15.79 -26.90
N ASP C 145 10.82 -15.64 -28.05
CA ASP C 145 11.42 -14.83 -29.13
C ASP C 145 11.22 -13.30 -28.95
N ASP C 146 11.92 -12.53 -29.78
CA ASP C 146 11.81 -11.07 -29.73
C ASP C 146 10.37 -10.61 -29.79
N ALA C 147 9.64 -11.18 -30.72
CA ALA C 147 8.29 -10.73 -30.88
C ALA C 147 7.54 -10.87 -29.57
N THR C 148 7.70 -12.02 -28.89
CA THR C 148 6.93 -12.31 -27.69
C THR C 148 7.35 -11.36 -26.58
N ILE C 149 8.64 -11.13 -26.51
CA ILE C 149 9.18 -10.26 -25.49
C ILE C 149 8.66 -8.84 -25.68
N GLU C 150 8.71 -8.35 -26.91
CA GLU C 150 8.17 -7.00 -27.23
C GLU C 150 6.73 -6.81 -26.80
N THR C 151 5.92 -7.87 -26.85
CA THR C 151 4.53 -7.74 -26.38
C THR C 151 4.46 -7.42 -24.92
N PHE C 152 5.33 -8.04 -24.13
CA PHE C 152 5.38 -7.75 -22.71
C PHE C 152 5.83 -6.33 -22.51
N LYS C 153 6.90 -5.95 -23.21
CA LYS C 153 7.45 -4.62 -23.02
C LYS C 153 6.40 -3.57 -23.42
N SER C 154 5.76 -3.78 -24.56
CA SER C 154 4.81 -2.78 -25.04
CA SER C 154 4.81 -2.78 -25.04
C SER C 154 3.58 -2.72 -24.13
N GLY C 155 3.20 -3.83 -23.50
CA GLY C 155 2.08 -3.83 -22.55
C GLY C 155 2.40 -2.99 -21.32
N VAL C 156 3.59 -3.22 -20.78
CA VAL C 156 4.02 -2.46 -19.61
C VAL C 156 4.19 -0.99 -19.95
N ILE C 157 4.67 -0.70 -21.15
CA ILE C 157 4.83 0.68 -21.56
C ILE C 157 3.46 1.35 -21.83
N ASN C 158 2.55 0.69 -22.51
CA ASN C 158 1.31 1.35 -22.91
C ASN C 158 0.18 1.33 -21.93
N ASP C 159 -0.05 0.21 -21.26
CA ASP C 159 -1.00 0.18 -20.14
C ASP C 159 -0.64 -0.95 -19.21
N ARG C 160 0.25 -0.61 -18.29
CA ARG C 160 0.78 -1.57 -17.35
C ARG C 160 -0.31 -2.17 -16.49
N LEU C 161 -1.29 -1.39 -16.08
CA LEU C 161 -2.21 -1.87 -15.09
C LEU C 161 -3.14 -2.89 -15.76
N ALA C 162 -3.54 -2.62 -17.00
CA ALA C 162 -4.40 -3.54 -17.74
C ALA C 162 -3.61 -4.78 -18.14
N PHE C 163 -2.35 -4.61 -18.54
CA PHE C 163 -1.48 -5.73 -18.84
C PHE C 163 -1.30 -6.63 -17.58
N LEU C 164 -1.12 -6.03 -16.39
CA LEU C 164 -0.92 -6.79 -15.19
C LEU C 164 -2.17 -7.57 -14.85
N ASP C 165 -3.33 -7.03 -15.17
CA ASP C 165 -4.62 -7.69 -14.88
C ASP C 165 -4.66 -9.00 -15.67
N GLU C 166 -4.33 -8.89 -16.94
CA GLU C 166 -4.29 -10.04 -17.81
C GLU C 166 -3.20 -11.02 -17.41
N PHE C 167 -2.02 -10.50 -17.05
CA PHE C 167 -0.91 -11.37 -16.70
C PHE C 167 -1.20 -12.21 -15.47
N THR C 168 -1.74 -11.58 -14.43
CA THR C 168 -2.13 -12.29 -13.23
C THR C 168 -3.22 -13.32 -13.40
N LYS C 169 -4.18 -13.10 -14.29
CA LYS C 169 -5.15 -14.17 -14.61
C LYS C 169 -4.41 -15.38 -15.18
N GLY C 170 -3.51 -15.16 -16.13
CA GLY C 170 -2.80 -16.28 -16.77
C GLY C 170 -1.78 -16.99 -15.86
N PHE C 171 -1.25 -16.25 -14.88
CA PHE C 171 -0.17 -16.70 -13.98
C PHE C 171 -0.62 -17.95 -13.19
N PHE C 172 -1.89 -17.93 -12.78
CA PHE C 172 -2.47 -19.01 -12.01
C PHE C 172 -3.40 -19.93 -12.83
N ALA C 173 -3.46 -19.75 -14.15
CA ALA C 173 -4.25 -20.64 -15.04
C ALA C 173 -3.37 -21.77 -15.60
N ALA C 174 -3.89 -23.02 -15.50
CA ALA C 174 -3.31 -24.19 -16.17
C ALA C 174 -4.21 -24.60 -17.36
N GLY C 175 -3.73 -24.27 -18.56
CA GLY C 175 -4.53 -24.52 -19.77
C GLY C 175 -5.88 -23.83 -19.60
N ASP C 176 -6.95 -24.62 -19.73
CA ASP C 176 -8.35 -24.23 -19.58
CA ASP C 176 -8.31 -24.11 -19.59
C ASP C 176 -8.76 -23.89 -18.14
N ARG C 177 -7.97 -24.32 -17.17
CA ARG C 177 -8.39 -24.35 -15.81
C ARG C 177 -8.07 -23.00 -15.22
N THR C 178 -9.09 -22.19 -14.96
CA THR C 178 -8.87 -20.81 -14.47
C THR C 178 -9.51 -20.56 -13.08
N ASP C 179 -9.72 -21.63 -12.31
CA ASP C 179 -10.38 -21.60 -11.03
CA ASP C 179 -10.31 -21.45 -10.99
C ASP C 179 -9.42 -22.05 -9.92
N LEU C 180 -8.12 -22.08 -10.20
CA LEU C 180 -7.17 -22.57 -9.22
C LEU C 180 -6.95 -21.63 -8.05
N VAL C 181 -7.27 -20.34 -8.23
CA VAL C 181 -7.28 -19.35 -7.15
C VAL C 181 -8.58 -18.55 -7.19
N SER C 182 -8.92 -17.89 -6.09
CA SER C 182 -10.12 -17.08 -6.10
C SER C 182 -9.86 -15.77 -6.83
N GLU C 183 -10.94 -15.09 -7.21
CA GLU C 183 -10.84 -13.75 -7.80
C GLU C 183 -10.20 -12.78 -6.78
N SER C 184 -10.52 -12.96 -5.49
CA SER C 184 -9.96 -12.08 -4.46
C SER C 184 -8.45 -12.24 -4.41
N PHE C 185 -7.99 -13.48 -4.55
CA PHE C 185 -6.57 -13.78 -4.48
C PHE C 185 -5.84 -13.19 -5.69
N ARG C 186 -6.44 -13.40 -6.86
CA ARG C 186 -5.98 -12.72 -8.09
CA ARG C 186 -5.99 -12.73 -8.10
C ARG C 186 -5.86 -11.20 -7.95
N LEU C 187 -6.89 -10.53 -7.48
CA LEU C 187 -6.89 -9.08 -7.34
C LEU C 187 -5.80 -8.60 -6.37
N TYR C 188 -5.66 -9.38 -5.31
CA TYR C 188 -4.60 -9.16 -4.30
C TYR C 188 -3.24 -9.12 -4.94
N ASN C 189 -2.99 -10.06 -5.86
CA ASN C 189 -1.71 -10.13 -6.52
C ASN C 189 -1.56 -9.03 -7.53
N TRP C 190 -2.61 -8.74 -8.25
CA TRP C 190 -2.61 -7.58 -9.16
C TRP C 190 -2.20 -6.29 -8.44
N ASP C 191 -2.79 -6.03 -7.29
CA ASP C 191 -2.48 -4.85 -6.55
C ASP C 191 -1.02 -4.84 -6.08
N ILE C 192 -0.46 -5.98 -5.72
CA ILE C 192 1.01 -6.02 -5.33
C ILE C 192 1.86 -5.59 -6.52
N ALA C 193 1.55 -6.13 -7.70
CA ALA C 193 2.31 -5.73 -8.92
C ALA C 193 2.04 -4.27 -9.31
N ALA C 194 0.82 -3.75 -9.09
CA ALA C 194 0.44 -2.37 -9.48
C ALA C 194 1.35 -1.31 -8.84
N GLY C 195 1.72 -1.56 -7.61
CA GLY C 195 2.54 -0.62 -6.84
C GLY C 195 4.03 -0.60 -7.13
N ALA C 196 4.49 -1.54 -7.95
CA ALA C 196 5.88 -1.66 -8.30
C ALA C 196 6.39 -0.48 -9.17
N SER C 197 7.70 -0.39 -9.29
CA SER C 197 8.31 0.58 -10.17
C SER C 197 7.97 0.27 -11.59
N PRO C 198 7.42 1.27 -12.30
CA PRO C 198 7.21 1.03 -13.74
C PRO C 198 8.50 0.73 -14.51
N LYS C 199 9.60 1.43 -14.18
CA LYS C 199 10.91 1.18 -14.78
C LYS C 199 11.47 -0.22 -14.46
N GLY C 200 11.43 -0.57 -13.18
CA GLY C 200 11.91 -1.87 -12.76
C GLY C 200 11.08 -2.96 -13.42
N THR C 201 9.76 -2.74 -13.48
CA THR C 201 8.84 -3.70 -14.10
C THR C 201 9.20 -3.93 -15.56
N LEU C 202 9.55 -2.86 -16.27
CA LEU C 202 9.99 -2.98 -17.67
C LEU C 202 11.32 -3.59 -17.78
N ASP C 203 12.32 -3.05 -17.10
CA ASP C 203 13.67 -3.59 -17.20
C ASP C 203 13.77 -5.07 -16.83
N CYS C 204 12.98 -5.52 -15.84
CA CYS C 204 13.00 -6.93 -15.48
C CYS C 204 12.71 -7.88 -16.60
N ILE C 205 11.83 -7.47 -17.53
CA ILE C 205 11.48 -8.30 -18.65
C ILE C 205 12.73 -8.69 -19.44
N THR C 206 13.52 -7.69 -19.75
CA THR C 206 14.79 -7.94 -20.43
C THR C 206 15.70 -8.78 -19.62
N ALA C 207 15.77 -8.48 -18.35
CA ALA C 207 16.68 -9.23 -17.49
C ALA C 207 16.29 -10.72 -17.45
N PHE C 208 15.01 -11.03 -17.23
CA PHE C 208 14.64 -12.42 -17.03
C PHE C 208 14.57 -13.19 -18.34
N SER C 209 14.28 -12.49 -19.43
CA SER C 209 14.16 -13.14 -20.72
C SER C 209 15.47 -13.33 -21.47
N LYS C 210 16.40 -12.39 -21.31
CA LYS C 210 17.60 -12.40 -22.14
C LYS C 210 18.91 -12.65 -21.43
N THR C 211 18.87 -12.90 -20.11
CA THR C 211 20.10 -13.27 -19.37
C THR C 211 20.35 -14.74 -19.51
N ASP C 212 21.58 -15.04 -19.91
CA ASP C 212 22.03 -16.41 -20.14
C ASP C 212 22.71 -16.98 -18.91
N PHE C 213 22.06 -17.94 -18.25
CA PHE C 213 22.62 -18.57 -17.03
C PHE C 213 23.36 -19.85 -17.25
N ARG C 214 23.57 -20.26 -18.48
CA ARG C 214 24.20 -21.60 -18.68
C ARG C 214 25.58 -21.74 -18.02
N LYS C 215 26.43 -20.74 -18.16
CA LYS C 215 27.76 -20.78 -17.53
C LYS C 215 27.63 -20.87 -16.01
N ASP C 216 26.63 -20.19 -15.46
CA ASP C 216 26.43 -20.21 -14.03
C ASP C 216 26.01 -21.58 -13.50
N LEU C 217 25.18 -22.29 -14.25
CA LEU C 217 24.66 -23.55 -13.71
C LEU C 217 25.82 -24.61 -13.56
N GLU C 218 26.97 -24.27 -14.13
CA GLU C 218 28.13 -25.15 -14.13
CA GLU C 218 28.22 -25.06 -14.15
C GLU C 218 28.83 -25.24 -12.81
N LYS C 219 28.68 -24.21 -12.00
CA LYS C 219 29.34 -24.13 -10.77
C LYS C 219 28.50 -24.80 -9.71
N PHE C 220 27.33 -25.30 -10.09
CA PHE C 220 26.46 -26.02 -9.17
C PHE C 220 26.92 -27.43 -8.85
N ASN C 221 27.34 -27.61 -7.62
CA ASN C 221 27.71 -28.92 -7.13
C ASN C 221 27.27 -29.07 -5.70
N ILE C 222 26.05 -28.65 -5.43
CA ILE C 222 25.41 -28.83 -4.15
C ILE C 222 24.00 -29.37 -4.46
N PRO C 223 23.31 -29.88 -3.46
CA PRO C 223 21.99 -30.45 -3.71
C PRO C 223 21.04 -29.42 -4.33
N THR C 224 20.27 -29.83 -5.34
CA THR C 224 19.47 -28.93 -6.17
C THR C 224 18.16 -29.61 -6.49
N LEU C 225 17.07 -28.89 -6.30
CA LEU C 225 15.75 -29.35 -6.66
C LEU C 225 15.12 -28.40 -7.68
N ILE C 226 14.56 -28.96 -8.73
CA ILE C 226 13.63 -28.26 -9.64
C ILE C 226 12.16 -28.59 -9.31
N ILE C 227 11.39 -27.60 -8.88
CA ILE C 227 9.94 -27.73 -8.79
C ILE C 227 9.37 -26.95 -9.97
N HIS C 228 8.45 -27.53 -10.72
CA HIS C 228 7.90 -26.86 -11.91
C HIS C 228 6.54 -27.48 -12.27
N GLY C 229 5.68 -26.67 -12.87
CA GLY C 229 4.44 -27.17 -13.34
C GLY C 229 4.60 -27.71 -14.77
N ASP C 230 3.77 -28.68 -15.10
CA ASP C 230 3.71 -29.15 -16.48
C ASP C 230 2.78 -28.32 -17.32
N SER C 231 2.13 -27.32 -16.73
CA SER C 231 1.23 -26.44 -17.46
C SER C 231 1.56 -24.96 -17.24
N ASP C 232 2.84 -24.67 -17.26
CA ASP C 232 3.33 -23.32 -16.94
C ASP C 232 3.36 -22.53 -18.25
N ALA C 233 2.45 -21.55 -18.40
CA ALA C 233 2.30 -20.86 -19.71
C ALA C 233 3.37 -19.80 -19.94
N THR C 234 3.98 -19.30 -18.85
CA THR C 234 4.94 -18.20 -18.90
C THR C 234 6.34 -18.72 -19.05
N VAL C 235 6.67 -19.72 -18.26
CA VAL C 235 7.99 -20.34 -18.27
C VAL C 235 7.81 -21.86 -18.44
N PRO C 236 7.69 -22.31 -19.69
CA PRO C 236 7.41 -23.74 -19.95
C PRO C 236 8.50 -24.67 -19.47
N PHE C 237 8.08 -25.73 -18.79
CA PHE C 237 9.00 -26.70 -18.19
C PHE C 237 10.04 -27.18 -19.19
N GLU C 238 9.61 -27.50 -20.41
N GLU C 238 9.60 -27.48 -20.41
CA GLU C 238 10.53 -28.10 -21.40
CA GLU C 238 10.46 -28.05 -21.44
C GLU C 238 11.69 -27.18 -21.76
C GLU C 238 11.66 -27.18 -21.77
N TYR C 239 11.47 -25.88 -21.61
CA TYR C 239 12.47 -24.88 -21.98
C TYR C 239 13.18 -24.29 -20.77
N SER C 240 12.91 -24.79 -19.57
CA SER C 240 13.45 -24.13 -18.39
C SER C 240 13.83 -25.17 -17.35
N GLY C 241 12.89 -25.56 -16.50
CA GLY C 241 13.16 -26.51 -15.42
C GLY C 241 13.80 -27.83 -15.92
N LYS C 242 13.26 -28.35 -17.01
CA LYS C 242 13.76 -29.61 -17.55
C LYS C 242 15.25 -29.50 -17.91
N LEU C 243 15.60 -28.38 -18.53
CA LEU C 243 16.99 -28.17 -18.94
C LEU C 243 17.91 -27.82 -17.77
N THR C 244 17.40 -27.13 -16.74
CA THR C 244 18.17 -26.85 -15.55
C THR C 244 18.50 -28.16 -14.82
N HIS C 245 17.50 -29.04 -14.74
CA HIS C 245 17.72 -30.37 -14.18
C HIS C 245 18.80 -31.09 -15.00
N GLU C 246 18.68 -31.07 -16.32
CA GLU C 246 19.69 -31.77 -17.16
C GLU C 246 21.08 -31.12 -17.09
N ALA C 247 21.14 -29.81 -16.80
CA ALA C 247 22.45 -29.12 -16.62
C ALA C 247 23.13 -29.43 -15.30
N ILE C 248 22.40 -29.87 -14.28
CA ILE C 248 22.96 -30.00 -12.93
C ILE C 248 22.92 -31.45 -12.42
N PRO C 249 24.12 -32.12 -12.39
CA PRO C 249 24.21 -33.46 -11.85
C PRO C 249 23.61 -33.62 -10.45
N ASN C 250 22.91 -34.73 -10.27
CA ASN C 250 22.41 -35.12 -8.98
C ASN C 250 21.24 -34.26 -8.57
N SER C 251 20.76 -33.38 -9.46
CA SER C 251 19.56 -32.57 -9.14
C SER C 251 18.31 -33.41 -9.22
N LYS C 252 17.31 -33.06 -8.42
N LYS C 252 17.31 -33.06 -8.40
CA LYS C 252 16.03 -33.76 -8.42
CA LYS C 252 16.01 -33.74 -8.35
C LYS C 252 14.99 -32.87 -9.13
C LYS C 252 14.97 -32.87 -9.10
N VAL C 253 13.96 -33.52 -9.69
CA VAL C 253 12.81 -32.82 -10.32
C VAL C 253 11.52 -33.26 -9.70
N ALA C 254 10.68 -32.28 -9.34
CA ALA C 254 9.29 -32.49 -8.99
C ALA C 254 8.41 -31.76 -10.03
N LEU C 255 7.88 -32.50 -11.01
CA LEU C 255 7.00 -31.97 -12.05
C LEU C 255 5.61 -32.12 -11.54
N ILE C 256 4.94 -31.00 -11.27
CA ILE C 256 3.62 -31.04 -10.65
C ILE C 256 2.59 -31.06 -11.77
N LYS C 257 1.73 -32.07 -11.74
N LYS C 257 1.74 -32.09 -11.77
CA LYS C 257 0.70 -32.27 -12.75
CA LYS C 257 0.70 -32.28 -12.78
C LYS C 257 -0.33 -31.21 -12.64
C LYS C 257 -0.34 -31.22 -12.65
N GLY C 258 -0.63 -30.58 -13.78
CA GLY C 258 -1.58 -29.49 -13.85
C GLY C 258 -1.09 -28.20 -13.18
N GLY C 259 0.20 -28.12 -12.87
CA GLY C 259 0.73 -26.91 -12.21
C GLY C 259 0.91 -25.79 -13.22
N PRO C 260 0.34 -24.61 -12.91
CA PRO C 260 0.58 -23.40 -13.71
C PRO C 260 1.85 -22.75 -13.24
N HIS C 261 2.08 -21.53 -13.70
CA HIS C 261 3.25 -20.75 -13.30
C HIS C 261 3.23 -20.51 -11.81
N GLY C 262 2.15 -19.94 -11.31
CA GLY C 262 1.99 -19.73 -9.86
C GLY C 262 1.62 -20.92 -9.02
N LEU C 263 2.33 -22.03 -9.22
CA LEU C 263 1.98 -23.30 -8.60
C LEU C 263 2.22 -23.41 -7.08
N ASN C 264 3.05 -22.55 -6.55
CA ASN C 264 3.26 -22.44 -5.12
C ASN C 264 2.03 -21.99 -4.39
N ALA C 265 1.11 -21.34 -5.12
CA ALA C 265 -0.20 -21.01 -4.56
C ALA C 265 -1.27 -22.00 -4.97
N THR C 266 -1.25 -22.43 -6.21
CA THR C 266 -2.36 -23.23 -6.74
C THR C 266 -2.26 -24.67 -6.25
N HIS C 267 -1.02 -25.16 -6.12
CA HIS C 267 -0.71 -26.49 -5.70
C HIS C 267 0.20 -26.47 -4.52
N ALA C 268 -0.16 -25.63 -3.54
CA ALA C 268 0.63 -25.50 -2.34
C ALA C 268 0.99 -26.81 -1.65
N LYS C 269 0.01 -27.71 -1.53
CA LYS C 269 0.25 -29.00 -0.83
C LYS C 269 1.38 -29.80 -1.50
N GLU C 270 1.31 -29.88 -2.80
CA GLU C 270 2.29 -30.61 -3.61
C GLU C 270 3.65 -29.91 -3.66
N PHE C 271 3.62 -28.58 -3.85
CA PHE C 271 4.84 -27.79 -3.84
C PHE C 271 5.54 -27.96 -2.51
N ASN C 272 4.82 -27.74 -1.41
CA ASN C 272 5.45 -27.86 -0.12
C ASN C 272 5.95 -29.25 0.21
N GLU C 273 5.23 -30.31 -0.19
CA GLU C 273 5.64 -31.69 0.11
CA GLU C 273 5.65 -31.66 0.14
C GLU C 273 6.95 -31.96 -0.60
N ALA C 274 7.08 -31.48 -1.85
CA ALA C 274 8.35 -31.68 -2.60
C ALA C 274 9.47 -30.89 -1.94
N LEU C 275 9.18 -29.66 -1.52
CA LEU C 275 10.19 -28.81 -0.89
C LEU C 275 10.63 -29.36 0.46
N LEU C 276 9.67 -29.77 1.25
CA LEU C 276 10.00 -30.28 2.59
C LEU C 276 10.77 -31.63 2.54
N LEU C 277 10.43 -32.49 1.59
CA LEU C 277 11.12 -33.77 1.40
C LEU C 277 12.57 -33.46 1.13
N PHE C 278 12.76 -32.49 0.22
CA PHE C 278 14.11 -32.11 -0.23
C PHE C 278 14.95 -31.50 0.87
N LEU C 279 14.36 -30.62 1.69
CA LEU C 279 15.07 -30.00 2.80
C LEU C 279 15.50 -30.97 3.90
N LYS C 280 14.63 -31.91 4.29
CA LYS C 280 14.98 -32.77 5.42
C LYS C 280 15.99 -33.83 5.03
N ASP C 281 16.18 -33.99 3.73
CA ASP C 281 17.16 -34.91 3.21
C ASP C 281 18.57 -34.36 3.32
CL CL D . -11.91 -8.35 16.34
NA NA E . -2.12 -0.74 -1.05
NA NA F . -8.26 8.54 36.16
CL CL G . -6.72 19.05 -8.15
CL CL H . 9.53 -13.77 -13.44
#